data_1WGL
#
_entry.id   1WGL
#
_entity_poly.entity_id   1
_entity_poly.type   'polypeptide(L)'
_entity_poly.pdbx_seq_one_letter_code
;GSSGSSGCSEEDLKAIQDMFPNMDQEVIRSVLEAQRGNKDAAINSLLQMGEEPSGPSSG
;
_entity_poly.pdbx_strand_id   A
#
# COMPACT_ATOMS: atom_id res chain seq x y z
N GLY A 1 -15.21 -14.80 4.39
CA GLY A 1 -14.49 -15.12 3.17
C GLY A 1 -13.78 -13.89 2.61
N SER A 2 -12.54 -14.09 2.19
CA SER A 2 -11.75 -13.01 1.62
C SER A 2 -11.65 -11.87 2.63
N SER A 3 -10.72 -12.02 3.57
CA SER A 3 -10.51 -11.01 4.58
C SER A 3 -9.01 -10.81 4.84
N GLY A 4 -8.36 -11.90 5.20
CA GLY A 4 -6.94 -11.86 5.46
C GLY A 4 -6.33 -13.27 5.40
N SER A 5 -5.84 -13.62 4.22
CA SER A 5 -5.23 -14.93 4.02
C SER A 5 -4.27 -15.24 5.16
N SER A 6 -3.23 -14.42 5.26
CA SER A 6 -2.24 -14.61 6.30
C SER A 6 -1.29 -13.40 6.33
N GLY A 7 -1.65 -12.43 7.16
CA GLY A 7 -0.84 -11.22 7.30
C GLY A 7 -0.46 -10.67 5.92
N CYS A 8 0.78 -10.21 5.83
CA CYS A 8 1.29 -9.66 4.59
C CYS A 8 0.96 -10.64 3.46
N SER A 9 1.15 -10.16 2.23
CA SER A 9 0.88 -10.98 1.07
C SER A 9 1.58 -10.39 -0.17
N GLU A 10 1.88 -11.27 -1.11
CA GLU A 10 2.56 -10.84 -2.33
C GLU A 10 1.53 -10.44 -3.38
N GLU A 11 0.33 -11.00 -3.24
CA GLU A 11 -0.75 -10.71 -4.17
C GLU A 11 -1.29 -9.30 -3.94
N ASP A 12 -1.86 -9.10 -2.76
CA ASP A 12 -2.43 -7.82 -2.40
C ASP A 12 -1.40 -6.72 -2.70
N LEU A 13 -0.14 -7.03 -2.45
CA LEU A 13 0.94 -6.09 -2.70
C LEU A 13 0.93 -5.70 -4.18
N LYS A 14 1.34 -6.66 -5.00
CA LYS A 14 1.39 -6.44 -6.44
C LYS A 14 0.18 -5.61 -6.87
N ALA A 15 -0.97 -5.95 -6.30
CA ALA A 15 -2.20 -5.25 -6.61
C ALA A 15 -1.98 -3.75 -6.47
N ILE A 16 -1.45 -3.36 -5.31
CA ILE A 16 -1.19 -1.97 -5.03
C ILE A 16 -0.21 -1.43 -6.07
N GLN A 17 0.90 -2.14 -6.22
CA GLN A 17 1.93 -1.75 -7.17
C GLN A 17 1.28 -1.24 -8.47
N ASP A 18 0.40 -2.06 -9.01
CA ASP A 18 -0.30 -1.71 -10.24
C ASP A 18 -0.93 -0.33 -10.09
N MET A 19 -1.62 -0.15 -8.97
CA MET A 19 -2.28 1.12 -8.69
C MET A 19 -1.26 2.24 -8.53
N PHE A 20 -0.19 1.93 -7.82
CA PHE A 20 0.87 2.90 -7.58
C PHE A 20 2.24 2.35 -8.00
N PRO A 21 2.46 2.32 -9.34
CA PRO A 21 3.70 1.82 -9.88
C PRO A 21 4.84 2.83 -9.67
N ASN A 22 4.49 4.10 -9.80
CA ASN A 22 5.46 5.17 -9.63
C ASN A 22 6.08 5.06 -8.23
N MET A 23 5.23 4.83 -7.25
CA MET A 23 5.67 4.71 -5.88
C MET A 23 6.83 3.72 -5.76
N ASP A 24 7.37 3.62 -4.56
CA ASP A 24 8.48 2.71 -4.30
C ASP A 24 7.94 1.44 -3.65
N GLN A 25 8.44 0.30 -4.14
CA GLN A 25 8.02 -0.98 -3.62
C GLN A 25 8.29 -1.05 -2.12
N GLU A 26 9.57 -0.91 -1.77
CA GLU A 26 9.97 -0.97 -0.38
C GLU A 26 9.00 -0.16 0.49
N VAL A 27 8.48 0.90 -0.10
CA VAL A 27 7.54 1.76 0.60
C VAL A 27 6.18 1.06 0.67
N ILE A 28 5.64 0.76 -0.50
CA ILE A 28 4.35 0.09 -0.58
C ILE A 28 4.27 -1.01 0.49
N ARG A 29 5.30 -1.84 0.50
CA ARG A 29 5.36 -2.94 1.45
C ARG A 29 5.47 -2.39 2.88
N SER A 30 6.28 -1.34 3.02
CA SER A 30 6.48 -0.71 4.31
C SER A 30 5.14 -0.24 4.87
N VAL A 31 4.16 -0.14 3.98
CA VAL A 31 2.84 0.31 4.38
C VAL A 31 1.96 -0.91 4.69
N LEU A 32 1.86 -1.79 3.70
CA LEU A 32 1.06 -3.00 3.85
C LEU A 32 1.47 -3.71 5.14
N GLU A 33 2.77 -3.72 5.39
CA GLU A 33 3.29 -4.36 6.59
C GLU A 33 2.90 -3.56 7.84
N ALA A 34 2.93 -2.25 7.70
CA ALA A 34 2.58 -1.36 8.79
C ALA A 34 1.06 -1.26 8.89
N GLN A 35 0.39 -1.85 7.91
CA GLN A 35 -1.06 -1.82 7.87
C GLN A 35 -1.62 -3.21 8.13
N ARG A 36 -1.06 -3.88 9.13
CA ARG A 36 -1.49 -5.22 9.49
C ARG A 36 -1.79 -6.03 8.24
N GLY A 37 -1.08 -5.69 7.17
CA GLY A 37 -1.27 -6.38 5.90
C GLY A 37 -2.68 -6.17 5.35
N ASN A 38 -3.08 -4.90 5.33
CA ASN A 38 -4.40 -4.53 4.84
C ASN A 38 -4.24 -3.63 3.62
N LYS A 39 -4.31 -4.25 2.45
CA LYS A 39 -4.18 -3.51 1.21
C LYS A 39 -5.02 -2.24 1.28
N ASP A 40 -6.32 -2.43 1.52
CA ASP A 40 -7.23 -1.30 1.62
C ASP A 40 -6.59 -0.20 2.46
N ALA A 41 -6.29 -0.54 3.71
CA ALA A 41 -5.68 0.41 4.62
C ALA A 41 -4.45 1.02 3.95
N ALA A 42 -3.65 0.16 3.36
CA ALA A 42 -2.44 0.59 2.68
C ALA A 42 -2.80 1.60 1.59
N ILE A 43 -3.55 1.12 0.62
CA ILE A 43 -3.98 1.96 -0.48
C ILE A 43 -4.35 3.35 0.06
N ASN A 44 -5.23 3.36 1.04
CA ASN A 44 -5.67 4.59 1.66
C ASN A 44 -4.46 5.34 2.23
N SER A 45 -3.61 4.58 2.92
CA SER A 45 -2.42 5.16 3.52
C SER A 45 -1.53 5.78 2.44
N LEU A 46 -1.26 4.98 1.40
CA LEU A 46 -0.44 5.45 0.30
C LEU A 46 -1.07 6.69 -0.32
N LEU A 47 -2.36 6.58 -0.62
CA LEU A 47 -3.09 7.68 -1.21
C LEU A 47 -2.72 8.98 -0.49
N GLN A 48 -3.00 8.99 0.80
CA GLN A 48 -2.71 10.16 1.63
C GLN A 48 -1.21 10.46 1.60
N MET A 49 -0.43 9.46 2.01
CA MET A 49 1.01 9.60 2.04
C MET A 49 1.53 10.26 0.75
N GLY A 50 2.44 11.21 0.92
CA GLY A 50 3.01 11.91 -0.21
C GLY A 50 2.12 13.07 -0.65
N GLU A 51 2.29 13.46 -1.91
CA GLU A 51 1.51 14.56 -2.45
C GLU A 51 1.08 14.23 -3.88
N GLU A 52 -0.23 14.27 -4.09
CA GLU A 52 -0.79 13.98 -5.41
C GLU A 52 -1.06 15.29 -6.17
N PRO A 53 -0.97 15.18 -7.51
CA PRO A 53 -1.20 16.34 -8.38
C PRO A 53 -2.70 16.67 -8.45
N SER A 54 -3.09 17.68 -7.69
CA SER A 54 -4.47 18.11 -7.66
C SER A 54 -4.94 18.44 -9.08
N GLY A 55 -6.25 18.49 -9.23
CA GLY A 55 -6.85 18.80 -10.53
C GLY A 55 -8.23 18.15 -10.67
N PRO A 56 -8.63 17.95 -11.95
CA PRO A 56 -9.93 17.34 -12.24
C PRO A 56 -9.90 15.84 -11.98
N SER A 57 -10.99 15.35 -11.40
CA SER A 57 -11.10 13.93 -11.09
C SER A 57 -12.48 13.42 -11.47
N SER A 58 -12.49 12.37 -12.28
CA SER A 58 -13.74 11.78 -12.72
C SER A 58 -13.68 10.25 -12.58
N GLY A 59 -12.71 9.68 -13.27
CA GLY A 59 -12.52 8.23 -13.24
C GLY A 59 -13.44 7.54 -14.25
N GLY A 1 -5.63 -17.06 13.06
CA GLY A 1 -5.36 -18.46 12.82
C GLY A 1 -5.21 -18.74 11.32
N SER A 2 -4.15 -18.18 10.75
CA SER A 2 -3.89 -18.37 9.34
C SER A 2 -2.39 -18.22 9.05
N SER A 3 -1.80 -19.31 8.57
CA SER A 3 -0.38 -19.31 8.26
C SER A 3 0.39 -18.58 9.35
N GLY A 4 0.68 -19.31 10.42
CA GLY A 4 1.42 -18.75 11.54
C GLY A 4 0.47 -18.03 12.52
N SER A 5 -0.15 -16.98 12.01
CA SER A 5 -1.08 -16.21 12.83
C SER A 5 -1.70 -15.09 11.99
N SER A 6 -0.85 -14.22 11.49
CA SER A 6 -1.30 -13.10 10.69
C SER A 6 -0.10 -12.34 10.11
N GLY A 7 0.13 -12.54 8.82
CA GLY A 7 1.23 -11.89 8.15
C GLY A 7 0.74 -11.03 6.98
N CYS A 8 1.55 -10.99 5.93
CA CYS A 8 1.21 -10.21 4.75
C CYS A 8 1.24 -11.15 3.54
N SER A 9 0.90 -10.59 2.39
CA SER A 9 0.89 -11.36 1.16
C SER A 9 1.54 -10.57 0.03
N GLU A 10 1.96 -11.28 -1.00
CA GLU A 10 2.61 -10.66 -2.15
C GLU A 10 1.57 -10.30 -3.21
N GLU A 11 0.43 -10.97 -3.13
CA GLU A 11 -0.64 -10.73 -4.07
C GLU A 11 -1.21 -9.32 -3.89
N ASP A 12 -1.83 -9.12 -2.74
CA ASP A 12 -2.43 -7.82 -2.42
C ASP A 12 -1.42 -6.72 -2.76
N LEU A 13 -0.15 -7.05 -2.62
CA LEU A 13 0.91 -6.10 -2.90
C LEU A 13 0.89 -5.74 -4.39
N LYS A 14 1.27 -6.71 -5.21
CA LYS A 14 1.29 -6.50 -6.64
C LYS A 14 0.07 -5.68 -7.06
N ALA A 15 -1.02 -5.91 -6.35
CA ALA A 15 -2.26 -5.20 -6.62
C ALA A 15 -2.03 -3.70 -6.47
N ILE A 16 -1.54 -3.31 -5.30
CA ILE A 16 -1.28 -1.92 -5.01
C ILE A 16 -0.24 -1.39 -6.01
N GLN A 17 0.83 -2.16 -6.17
CA GLN A 17 1.89 -1.78 -7.08
C GLN A 17 1.32 -1.24 -8.38
N ASP A 18 0.47 -2.05 -9.00
CA ASP A 18 -0.15 -1.66 -10.25
C ASP A 18 -0.78 -0.28 -10.09
N MET A 19 -1.47 -0.11 -8.98
CA MET A 19 -2.13 1.16 -8.70
C MET A 19 -1.10 2.27 -8.48
N PHE A 20 -0.05 1.92 -7.75
CA PHE A 20 1.01 2.88 -7.47
C PHE A 20 2.39 2.28 -7.78
N PRO A 21 2.68 2.17 -9.10
CA PRO A 21 3.96 1.62 -9.55
C PRO A 21 5.08 2.63 -9.35
N ASN A 22 4.73 3.90 -9.49
CA ASN A 22 5.70 4.97 -9.33
C ASN A 22 6.30 4.90 -7.93
N MET A 23 5.42 4.67 -6.96
CA MET A 23 5.85 4.58 -5.56
C MET A 23 6.96 3.55 -5.40
N ASP A 24 7.73 3.72 -4.34
CA ASP A 24 8.83 2.81 -4.05
C ASP A 24 8.27 1.52 -3.45
N GLN A 25 8.64 0.41 -4.07
CA GLN A 25 8.18 -0.89 -3.61
C GLN A 25 8.42 -1.04 -2.11
N GLU A 26 9.65 -0.74 -1.71
CA GLU A 26 10.02 -0.83 -0.30
C GLU A 26 9.00 -0.09 0.57
N VAL A 27 8.47 0.98 0.00
CA VAL A 27 7.49 1.79 0.72
C VAL A 27 6.14 1.06 0.71
N ILE A 28 5.68 0.75 -0.50
CA ILE A 28 4.42 0.06 -0.66
C ILE A 28 4.31 -1.06 0.37
N ARG A 29 5.36 -1.88 0.43
CA ARG A 29 5.40 -2.99 1.36
C ARG A 29 5.45 -2.47 2.80
N SER A 30 6.18 -1.38 2.98
CA SER A 30 6.32 -0.78 4.30
C SER A 30 4.96 -0.31 4.80
N VAL A 31 4.01 -0.23 3.87
CA VAL A 31 2.67 0.20 4.20
C VAL A 31 1.80 -1.03 4.50
N LEU A 32 1.83 -1.96 3.55
CA LEU A 32 1.05 -3.18 3.68
C LEU A 32 1.45 -3.89 4.98
N GLU A 33 2.74 -3.87 5.26
CA GLU A 33 3.26 -4.51 6.46
C GLU A 33 2.92 -3.68 7.70
N ALA A 34 3.01 -2.36 7.54
CA ALA A 34 2.72 -1.46 8.62
C ALA A 34 1.20 -1.38 8.83
N GLN A 35 0.48 -1.86 7.82
CA GLN A 35 -0.97 -1.85 7.87
C GLN A 35 -1.49 -3.25 8.22
N ARG A 36 -0.70 -3.95 9.02
CA ARG A 36 -1.08 -5.31 9.43
C ARG A 36 -1.57 -6.11 8.23
N GLY A 37 -0.98 -5.82 7.08
CA GLY A 37 -1.35 -6.51 5.85
C GLY A 37 -2.77 -6.14 5.42
N ASN A 38 -3.08 -4.86 5.56
CA ASN A 38 -4.39 -4.36 5.19
C ASN A 38 -4.27 -3.52 3.92
N LYS A 39 -4.34 -4.20 2.78
CA LYS A 39 -4.25 -3.53 1.50
C LYS A 39 -5.08 -2.25 1.52
N ASP A 40 -6.38 -2.44 1.72
CA ASP A 40 -7.30 -1.32 1.77
C ASP A 40 -6.66 -0.18 2.58
N ALA A 41 -6.27 -0.51 3.79
CA ALA A 41 -5.65 0.47 4.67
C ALA A 41 -4.37 1.00 4.01
N ALA A 42 -3.67 0.09 3.36
CA ALA A 42 -2.43 0.45 2.68
C ALA A 42 -2.73 1.47 1.58
N ILE A 43 -3.69 1.12 0.74
CA ILE A 43 -4.08 1.99 -0.35
C ILE A 43 -4.40 3.38 0.19
N ASN A 44 -5.28 3.41 1.18
CA ASN A 44 -5.68 4.66 1.80
C ASN A 44 -4.43 5.40 2.29
N SER A 45 -3.55 4.64 2.94
CA SER A 45 -2.32 5.21 3.47
C SER A 45 -1.51 5.82 2.33
N LEU A 46 -1.23 5.01 1.33
CA LEU A 46 -0.46 5.44 0.18
C LEU A 46 -1.12 6.69 -0.42
N LEU A 47 -2.41 6.56 -0.69
CA LEU A 47 -3.17 7.65 -1.27
C LEU A 47 -2.76 8.96 -0.59
N GLN A 48 -2.95 9.01 0.72
CA GLN A 48 -2.61 10.19 1.49
C GLN A 48 -1.10 10.46 1.39
N MET A 49 -0.32 9.46 1.79
CA MET A 49 1.12 9.60 1.76
C MET A 49 1.58 10.27 0.46
N GLY A 50 2.34 11.34 0.63
CA GLY A 50 2.85 12.09 -0.51
C GLY A 50 1.82 13.09 -1.01
N GLU A 51 1.19 12.74 -2.12
CA GLU A 51 0.19 13.61 -2.72
C GLU A 51 -0.77 12.78 -3.60
N GLU A 52 -2.04 13.11 -3.48
CA GLU A 52 -3.06 12.41 -4.26
C GLU A 52 -2.73 12.47 -5.75
N PRO A 53 -3.28 11.49 -6.50
CA PRO A 53 -3.04 11.41 -7.93
C PRO A 53 -3.86 12.49 -8.67
N SER A 54 -4.84 13.02 -7.98
CA SER A 54 -5.69 14.05 -8.57
C SER A 54 -4.86 15.29 -8.89
N GLY A 55 -5.22 15.92 -10.00
CA GLY A 55 -4.51 17.11 -10.45
C GLY A 55 -5.49 18.16 -10.99
N PRO A 56 -5.73 18.08 -12.32
CA PRO A 56 -6.65 19.01 -12.97
C PRO A 56 -8.10 18.67 -12.65
N SER A 57 -8.44 17.41 -12.88
CA SER A 57 -9.80 16.94 -12.62
C SER A 57 -10.76 17.51 -13.66
N SER A 58 -10.95 18.83 -13.59
CA SER A 58 -11.84 19.50 -14.52
C SER A 58 -13.27 19.01 -14.34
N GLY A 59 -14.00 19.70 -13.48
CA GLY A 59 -15.38 19.34 -13.21
C GLY A 59 -16.28 20.58 -13.19
N GLY A 1 -10.51 -19.63 -0.98
CA GLY A 1 -9.23 -20.03 -0.42
C GLY A 1 -8.47 -18.83 0.13
N SER A 2 -7.32 -19.11 0.73
CA SER A 2 -6.50 -18.06 1.31
C SER A 2 -5.02 -18.45 1.22
N SER A 3 -4.21 -17.49 0.79
CA SER A 3 -2.79 -17.72 0.65
C SER A 3 -2.05 -17.10 1.84
N GLY A 4 -2.24 -15.80 1.99
CA GLY A 4 -1.60 -15.06 3.08
C GLY A 4 -2.59 -14.12 3.77
N SER A 5 -2.52 -14.10 5.08
CA SER A 5 -3.39 -13.25 5.87
C SER A 5 -2.74 -12.92 7.22
N SER A 6 -2.98 -11.71 7.68
CA SER A 6 -2.43 -11.26 8.94
C SER A 6 -0.90 -11.22 8.86
N GLY A 7 -0.39 -10.17 8.24
CA GLY A 7 1.04 -10.00 8.08
C GLY A 7 1.36 -9.25 6.80
N CYS A 8 1.32 -9.98 5.69
CA CYS A 8 1.61 -9.41 4.39
C CYS A 8 1.23 -10.43 3.32
N SER A 9 1.27 -9.97 2.07
CA SER A 9 0.94 -10.84 0.95
C SER A 9 1.63 -10.32 -0.32
N GLU A 10 1.83 -11.24 -1.26
CA GLU A 10 2.47 -10.90 -2.51
C GLU A 10 1.43 -10.52 -3.56
N GLU A 11 0.23 -11.06 -3.38
CA GLU A 11 -0.86 -10.78 -4.29
C GLU A 11 -1.36 -9.36 -4.11
N ASP A 12 -1.85 -9.08 -2.91
CA ASP A 12 -2.37 -7.76 -2.59
C ASP A 12 -1.33 -6.70 -3.00
N LEU A 13 -0.07 -7.02 -2.73
CA LEU A 13 1.02 -6.11 -3.07
C LEU A 13 0.98 -5.82 -4.57
N LYS A 14 1.35 -6.83 -5.35
CA LYS A 14 1.36 -6.69 -6.79
C LYS A 14 0.15 -5.86 -7.23
N ALA A 15 -0.94 -6.03 -6.49
CA ALA A 15 -2.16 -5.30 -6.80
C ALA A 15 -1.93 -3.81 -6.58
N ILE A 16 -1.49 -3.48 -5.37
CA ILE A 16 -1.23 -2.10 -5.01
C ILE A 16 -0.26 -1.50 -6.02
N GLN A 17 0.83 -2.22 -6.25
CA GLN A 17 1.85 -1.76 -7.18
C GLN A 17 1.19 -1.26 -8.48
N ASP A 18 0.38 -2.12 -9.07
CA ASP A 18 -0.31 -1.78 -10.30
C ASP A 18 -1.03 -0.44 -10.12
N MET A 19 -1.58 -0.25 -8.93
CA MET A 19 -2.30 0.97 -8.63
C MET A 19 -1.32 2.12 -8.35
N PHE A 20 -0.20 1.78 -7.74
CA PHE A 20 0.82 2.76 -7.42
C PHE A 20 2.20 2.28 -7.85
N PRO A 21 2.46 2.40 -9.19
CA PRO A 21 3.73 1.99 -9.74
C PRO A 21 4.84 2.99 -9.40
N ASN A 22 4.56 4.25 -9.72
CA ASN A 22 5.52 5.31 -9.45
C ASN A 22 6.09 5.14 -8.04
N MET A 23 5.23 4.67 -7.14
CA MET A 23 5.64 4.46 -5.77
C MET A 23 6.80 3.46 -5.69
N ASP A 24 7.43 3.44 -4.52
CA ASP A 24 8.55 2.54 -4.29
C ASP A 24 8.09 1.33 -3.50
N GLN A 25 8.49 0.16 -3.97
CA GLN A 25 8.12 -1.09 -3.31
C GLN A 25 8.36 -0.98 -1.80
N GLU A 26 9.62 -0.78 -1.45
CA GLU A 26 10.00 -0.67 -0.06
C GLU A 26 8.94 0.14 0.71
N VAL A 27 8.46 1.19 0.06
CA VAL A 27 7.46 2.04 0.68
C VAL A 27 6.12 1.30 0.71
N ILE A 28 5.67 0.90 -0.47
CA ILE A 28 4.41 0.18 -0.57
C ILE A 28 4.34 -0.88 0.53
N ARG A 29 5.38 -1.69 0.59
CA ARG A 29 5.44 -2.75 1.59
C ARG A 29 5.42 -2.15 2.99
N SER A 30 6.24 -1.12 3.19
CA SER A 30 6.31 -0.46 4.48
C SER A 30 4.92 -0.07 4.96
N VAL A 31 4.01 0.03 3.99
CA VAL A 31 2.63 0.38 4.30
C VAL A 31 1.82 -0.88 4.55
N LEU A 32 1.83 -1.76 3.55
CA LEU A 32 1.11 -3.02 3.66
C LEU A 32 1.51 -3.74 4.94
N GLU A 33 2.80 -3.70 5.21
CA GLU A 33 3.33 -4.35 6.41
C GLU A 33 2.95 -3.55 7.66
N ALA A 34 3.01 -2.24 7.52
CA ALA A 34 2.68 -1.35 8.62
C ALA A 34 1.16 -1.41 8.87
N GLN A 35 0.44 -1.83 7.84
CA GLN A 35 -1.01 -1.92 7.94
C GLN A 35 -1.42 -3.36 8.24
N ARG A 36 -0.51 -4.09 8.87
CA ARG A 36 -0.77 -5.48 9.21
C ARG A 36 -1.20 -6.26 7.97
N GLY A 37 -0.38 -6.16 6.93
CA GLY A 37 -0.67 -6.85 5.68
C GLY A 37 -2.09 -6.54 5.20
N ASN A 38 -2.35 -5.25 5.03
CA ASN A 38 -3.66 -4.81 4.57
C ASN A 38 -3.49 -3.96 3.31
N LYS A 39 -4.36 -4.21 2.34
CA LYS A 39 -4.31 -3.47 1.10
C LYS A 39 -5.18 -2.22 1.22
N ASP A 40 -6.39 -2.42 1.72
CA ASP A 40 -7.32 -1.32 1.91
C ASP A 40 -6.67 -0.25 2.79
N ALA A 41 -6.28 -0.67 3.99
CA ALA A 41 -5.66 0.23 4.94
C ALA A 41 -4.41 0.86 4.30
N ALA A 42 -3.69 0.02 3.56
CA ALA A 42 -2.48 0.47 2.89
C ALA A 42 -2.84 1.54 1.86
N ILE A 43 -3.66 1.13 0.90
CA ILE A 43 -4.08 2.04 -0.16
C ILE A 43 -4.38 3.42 0.46
N ASN A 44 -5.31 3.43 1.40
CA ASN A 44 -5.69 4.66 2.06
C ASN A 44 -4.41 5.44 2.46
N SER A 45 -3.49 4.72 3.06
CA SER A 45 -2.24 5.31 3.49
C SER A 45 -1.45 5.80 2.27
N LEU A 46 -1.22 4.89 1.34
CA LEU A 46 -0.48 5.21 0.13
C LEU A 46 -1.09 6.46 -0.50
N LEU A 47 -2.40 6.43 -0.67
CA LEU A 47 -3.11 7.55 -1.27
C LEU A 47 -2.54 8.86 -0.71
N GLN A 48 -2.57 8.97 0.61
CA GLN A 48 -2.07 10.16 1.28
C GLN A 48 -0.63 10.45 0.83
N MET A 49 0.21 9.44 0.98
CA MET A 49 1.61 9.57 0.60
C MET A 49 1.74 10.14 -0.81
N GLY A 50 2.54 11.20 -0.92
CA GLY A 50 2.75 11.84 -2.20
C GLY A 50 4.16 12.45 -2.28
N GLU A 51 5.09 11.63 -2.73
CA GLU A 51 6.47 12.07 -2.85
C GLU A 51 6.85 12.96 -1.68
N GLU A 52 7.38 12.32 -0.64
CA GLU A 52 7.78 13.05 0.55
C GLU A 52 9.20 12.63 0.97
N PRO A 53 9.92 13.59 1.61
CA PRO A 53 11.28 13.33 2.06
C PRO A 53 11.27 12.45 3.31
N SER A 54 12.44 11.88 3.59
CA SER A 54 12.60 11.01 4.75
C SER A 54 11.96 11.66 5.98
N GLY A 55 12.33 12.92 6.21
CA GLY A 55 11.81 13.66 7.35
C GLY A 55 10.75 14.68 6.89
N PRO A 56 9.49 14.43 7.35
CA PRO A 56 8.39 15.32 7.00
C PRO A 56 8.47 16.63 7.78
N SER A 57 8.69 17.71 7.05
CA SER A 57 8.78 19.02 7.68
C SER A 57 8.90 20.11 6.60
N SER A 58 8.59 21.33 7.00
CA SER A 58 8.65 22.45 6.07
C SER A 58 7.66 22.25 4.93
N GLY A 59 6.43 22.66 5.19
CA GLY A 59 5.36 22.53 4.21
C GLY A 59 4.00 22.45 4.87
N GLY A 1 -11.50 -9.76 2.92
CA GLY A 1 -12.78 -9.74 3.61
C GLY A 1 -12.59 -9.73 5.13
N SER A 2 -13.61 -10.20 5.83
CA SER A 2 -13.56 -10.25 7.28
C SER A 2 -13.81 -11.68 7.76
N SER A 3 -12.71 -12.40 7.96
CA SER A 3 -12.79 -13.77 8.43
C SER A 3 -11.39 -14.36 8.56
N GLY A 4 -10.88 -14.30 9.78
CA GLY A 4 -9.54 -14.82 10.06
C GLY A 4 -8.50 -13.72 10.00
N SER A 5 -7.28 -14.08 10.38
CA SER A 5 -6.19 -13.12 10.38
C SER A 5 -5.26 -13.39 9.19
N SER A 6 -4.34 -12.46 8.96
CA SER A 6 -3.40 -12.58 7.87
C SER A 6 -2.42 -11.41 7.88
N GLY A 7 -1.23 -11.67 7.38
CA GLY A 7 -0.19 -10.65 7.32
C GLY A 7 0.05 -10.19 5.88
N CYS A 8 1.27 -9.74 5.64
CA CYS A 8 1.65 -9.26 4.32
C CYS A 8 1.20 -10.29 3.30
N SER A 9 1.24 -9.89 2.03
CA SER A 9 0.84 -10.77 0.95
C SER A 9 1.43 -10.27 -0.38
N GLU A 10 1.77 -11.23 -1.23
CA GLU A 10 2.33 -10.91 -2.52
C GLU A 10 1.23 -10.47 -3.49
N GLU A 11 0.03 -10.97 -3.23
CA GLU A 11 -1.11 -10.64 -4.07
C GLU A 11 -1.53 -9.18 -3.85
N ASP A 12 -1.88 -8.88 -2.62
CA ASP A 12 -2.31 -7.54 -2.26
C ASP A 12 -1.27 -6.54 -2.79
N LEU A 13 -0.01 -6.89 -2.63
CA LEU A 13 1.07 -6.04 -3.08
C LEU A 13 0.93 -5.78 -4.58
N LYS A 14 1.17 -6.82 -5.36
CA LYS A 14 1.07 -6.72 -6.80
C LYS A 14 -0.13 -5.85 -7.17
N ALA A 15 -1.16 -5.93 -6.32
CA ALA A 15 -2.38 -5.15 -6.54
C ALA A 15 -2.05 -3.67 -6.41
N ILE A 16 -1.51 -3.30 -5.26
CA ILE A 16 -1.15 -1.92 -4.99
C ILE A 16 -0.08 -1.48 -5.98
N GLN A 17 0.95 -2.32 -6.10
CA GLN A 17 2.06 -2.03 -7.00
C GLN A 17 1.52 -1.52 -8.34
N ASP A 18 0.61 -2.29 -8.91
CA ASP A 18 0.02 -1.94 -10.19
C ASP A 18 -0.61 -0.54 -10.08
N MET A 19 -1.32 -0.33 -8.99
CA MET A 19 -1.98 0.94 -8.75
C MET A 19 -0.95 2.06 -8.60
N PHE A 20 0.10 1.76 -7.86
CA PHE A 20 1.16 2.72 -7.63
C PHE A 20 2.52 2.16 -8.04
N PRO A 21 2.73 2.09 -9.38
CA PRO A 21 3.98 1.58 -9.92
C PRO A 21 5.10 2.60 -9.77
N ASN A 22 4.74 3.86 -9.94
CA ASN A 22 5.71 4.94 -9.82
C ASN A 22 6.33 4.91 -8.43
N MET A 23 5.48 4.70 -7.44
CA MET A 23 5.94 4.65 -6.06
C MET A 23 7.05 3.61 -5.88
N ASP A 24 7.63 3.60 -4.70
CA ASP A 24 8.70 2.67 -4.40
C ASP A 24 8.13 1.46 -3.67
N GLN A 25 8.48 0.28 -4.18
CA GLN A 25 8.01 -0.96 -3.60
C GLN A 25 8.32 -0.99 -2.10
N GLU A 26 9.57 -0.71 -1.79
CA GLU A 26 10.01 -0.71 -0.40
C GLU A 26 9.02 0.07 0.47
N VAL A 27 8.47 1.12 -0.12
CA VAL A 27 7.51 1.96 0.59
C VAL A 27 6.17 1.22 0.66
N ILE A 28 5.68 0.83 -0.50
CA ILE A 28 4.40 0.13 -0.57
C ILE A 28 4.35 -0.93 0.52
N ARG A 29 5.39 -1.75 0.56
CA ARG A 29 5.48 -2.81 1.55
C ARG A 29 5.47 -2.23 2.96
N SER A 30 6.32 -1.23 3.17
CA SER A 30 6.41 -0.58 4.46
C SER A 30 5.02 -0.19 4.95
N VAL A 31 4.11 -0.06 4.00
CA VAL A 31 2.74 0.30 4.32
C VAL A 31 1.92 -0.97 4.57
N LEU A 32 1.93 -1.84 3.56
CA LEU A 32 1.20 -3.09 3.65
C LEU A 32 1.63 -3.85 4.90
N GLU A 33 2.93 -3.79 5.17
CA GLU A 33 3.49 -4.46 6.33
C GLU A 33 3.17 -3.67 7.61
N ALA A 34 3.01 -2.36 7.43
CA ALA A 34 2.71 -1.48 8.55
C ALA A 34 1.21 -1.51 8.82
N GLN A 35 0.47 -1.98 7.83
CA GLN A 35 -0.97 -2.07 7.96
C GLN A 35 -1.39 -3.49 8.33
N ARG A 36 -0.47 -4.20 8.95
CA ARG A 36 -0.72 -5.57 9.37
C ARG A 36 -1.00 -6.45 8.16
N GLY A 37 -0.51 -6.00 7.02
CA GLY A 37 -0.71 -6.73 5.77
C GLY A 37 -2.08 -6.46 5.18
N ASN A 38 -2.46 -5.19 5.20
CA ASN A 38 -3.74 -4.78 4.66
C ASN A 38 -3.54 -4.03 3.35
N LYS A 39 -4.46 -4.24 2.43
CA LYS A 39 -4.38 -3.59 1.13
C LYS A 39 -5.11 -2.24 1.19
N ASP A 40 -6.42 -2.33 1.36
CA ASP A 40 -7.24 -1.13 1.45
C ASP A 40 -6.60 -0.14 2.43
N ALA A 41 -6.32 -0.64 3.63
CA ALA A 41 -5.71 0.17 4.66
C ALA A 41 -4.40 0.76 4.14
N ALA A 42 -3.68 -0.08 3.41
CA ALA A 42 -2.40 0.34 2.85
C ALA A 42 -2.64 1.44 1.81
N ILE A 43 -3.55 1.15 0.90
CA ILE A 43 -3.88 2.10 -0.16
C ILE A 43 -4.24 3.45 0.47
N ASN A 44 -5.20 3.41 1.37
CA ASN A 44 -5.63 4.62 2.05
C ASN A 44 -4.41 5.38 2.55
N SER A 45 -3.43 4.62 3.05
CA SER A 45 -2.21 5.22 3.56
C SER A 45 -1.42 5.86 2.42
N LEU A 46 -1.16 5.05 1.41
CA LEU A 46 -0.40 5.52 0.26
C LEU A 46 -1.14 6.72 -0.36
N LEU A 47 -2.41 6.50 -0.66
CA LEU A 47 -3.23 7.54 -1.26
C LEU A 47 -2.91 8.89 -0.59
N GLN A 48 -3.16 8.94 0.72
CA GLN A 48 -2.91 10.14 1.49
C GLN A 48 -1.44 10.56 1.35
N MET A 49 -0.56 9.62 1.70
CA MET A 49 0.87 9.88 1.62
C MET A 49 1.25 10.45 0.26
N GLY A 50 2.05 11.50 0.29
CA GLY A 50 2.49 12.14 -0.94
C GLY A 50 3.53 13.23 -0.64
N GLU A 51 3.80 14.03 -1.65
CA GLU A 51 4.76 15.12 -1.52
C GLU A 51 6.13 14.56 -1.11
N GLU A 52 6.83 14.04 -2.11
CA GLU A 52 8.15 13.48 -1.87
C GLU A 52 9.24 14.46 -2.32
N PRO A 53 9.96 15.02 -1.31
CA PRO A 53 11.02 15.98 -1.59
C PRO A 53 12.27 15.27 -2.12
N SER A 54 12.11 14.65 -3.28
CA SER A 54 13.21 13.93 -3.91
C SER A 54 13.97 13.13 -2.86
N GLY A 55 13.46 11.93 -2.59
CA GLY A 55 14.09 11.07 -1.60
C GLY A 55 15.42 10.51 -2.12
N PRO A 56 15.73 9.26 -1.71
CA PRO A 56 16.97 8.61 -2.12
C PRO A 56 16.87 8.14 -3.57
N SER A 57 17.62 8.81 -4.43
CA SER A 57 17.63 8.47 -5.84
C SER A 57 18.94 7.75 -6.20
N SER A 58 20.04 8.45 -5.97
CA SER A 58 21.34 7.90 -6.25
C SER A 58 21.47 6.50 -5.65
N GLY A 59 21.69 5.53 -6.52
CA GLY A 59 21.83 4.15 -6.08
C GLY A 59 22.98 3.45 -6.81
N GLY A 1 -10.11 -14.96 14.01
CA GLY A 1 -11.48 -14.63 14.37
C GLY A 1 -12.47 -15.24 13.37
N SER A 2 -13.05 -14.36 12.56
CA SER A 2 -14.02 -14.80 11.57
C SER A 2 -13.31 -15.56 10.45
N SER A 3 -12.36 -14.88 9.82
CA SER A 3 -11.60 -15.48 8.73
C SER A 3 -10.20 -15.86 9.23
N GLY A 4 -9.50 -16.62 8.41
CA GLY A 4 -8.15 -17.06 8.74
C GLY A 4 -7.15 -16.56 7.71
N SER A 5 -6.96 -15.24 7.69
CA SER A 5 -6.03 -14.63 6.76
C SER A 5 -5.58 -13.27 7.30
N SER A 6 -4.26 -13.10 7.32
CA SER A 6 -3.67 -11.85 7.81
C SER A 6 -2.16 -11.86 7.59
N GLY A 7 -1.63 -10.69 7.27
CA GLY A 7 -0.21 -10.56 7.04
C GLY A 7 0.07 -10.16 5.60
N CYS A 8 1.31 -9.76 5.35
CA CYS A 8 1.73 -9.35 4.01
C CYS A 8 1.28 -10.43 3.03
N SER A 9 1.24 -10.05 1.76
CA SER A 9 0.83 -10.96 0.72
C SER A 9 1.25 -10.43 -0.65
N GLU A 10 1.89 -11.28 -1.42
CA GLU A 10 2.36 -10.90 -2.75
C GLU A 10 1.16 -10.62 -3.66
N GLU A 11 0.02 -11.17 -3.28
CA GLU A 11 -1.19 -10.99 -4.06
C GLU A 11 -1.64 -9.52 -4.00
N ASP A 12 -2.06 -9.11 -2.81
CA ASP A 12 -2.52 -7.75 -2.61
C ASP A 12 -1.39 -6.78 -3.00
N LEU A 13 -0.17 -7.17 -2.66
CA LEU A 13 0.98 -6.36 -2.97
C LEU A 13 0.86 -5.81 -4.39
N LYS A 14 1.02 -6.71 -5.35
CA LYS A 14 0.92 -6.33 -6.75
C LYS A 14 -0.23 -5.34 -6.93
N ALA A 15 -1.39 -5.71 -6.41
CA ALA A 15 -2.56 -4.86 -6.50
C ALA A 15 -2.15 -3.40 -6.28
N ILE A 16 -1.46 -3.18 -5.17
CA ILE A 16 -1.00 -1.84 -4.83
C ILE A 16 0.02 -1.38 -5.86
N GLN A 17 1.04 -2.20 -6.05
CA GLN A 17 2.09 -1.88 -7.00
C GLN A 17 1.48 -1.38 -8.31
N ASP A 18 0.55 -2.17 -8.83
CA ASP A 18 -0.11 -1.82 -10.08
C ASP A 18 -0.74 -0.43 -9.94
N MET A 19 -1.31 -0.19 -8.78
CA MET A 19 -1.94 1.11 -8.51
C MET A 19 -0.89 2.20 -8.35
N PHE A 20 0.20 1.85 -7.71
CA PHE A 20 1.27 2.79 -7.47
C PHE A 20 2.63 2.18 -7.85
N PRO A 21 2.88 2.09 -9.18
CA PRO A 21 4.12 1.54 -9.68
C PRO A 21 5.28 2.52 -9.50
N ASN A 22 4.99 3.77 -9.81
CA ASN A 22 6.00 4.82 -9.68
C ASN A 22 6.57 4.80 -8.26
N MET A 23 5.70 4.52 -7.31
CA MET A 23 6.10 4.47 -5.92
C MET A 23 7.24 3.48 -5.71
N ASP A 24 7.83 3.53 -4.52
CA ASP A 24 8.93 2.65 -4.19
C ASP A 24 8.39 1.40 -3.49
N GLN A 25 8.79 0.25 -4.01
CA GLN A 25 8.35 -1.02 -3.46
C GLN A 25 8.53 -1.02 -1.94
N GLU A 26 9.79 -0.91 -1.52
CA GLU A 26 10.11 -0.91 -0.10
C GLU A 26 9.07 -0.10 0.67
N VAL A 27 8.68 1.02 0.09
CA VAL A 27 7.69 1.88 0.72
C VAL A 27 6.33 1.19 0.70
N ILE A 28 5.85 0.90 -0.51
CA ILE A 28 4.57 0.24 -0.68
C ILE A 28 4.43 -0.85 0.38
N ARG A 29 5.45 -1.69 0.47
CA ARG A 29 5.46 -2.78 1.43
C ARG A 29 5.51 -2.23 2.85
N SER A 30 6.32 -1.20 3.03
CA SER A 30 6.47 -0.58 4.33
C SER A 30 5.10 -0.13 4.86
N VAL A 31 4.15 -0.03 3.93
CA VAL A 31 2.81 0.39 4.29
C VAL A 31 1.96 -0.85 4.58
N LEU A 32 1.91 -1.73 3.59
CA LEU A 32 1.14 -2.96 3.72
C LEU A 32 1.56 -3.69 5.00
N GLU A 33 2.86 -3.70 5.24
CA GLU A 33 3.40 -4.35 6.42
C GLU A 33 3.06 -3.55 7.68
N ALA A 34 3.17 -2.23 7.55
CA ALA A 34 2.89 -1.34 8.67
C ALA A 34 1.37 -1.29 8.89
N GLN A 35 0.64 -1.80 7.90
CA GLN A 35 -0.81 -1.82 7.98
C GLN A 35 -1.30 -3.22 8.35
N ARG A 36 -0.47 -3.93 9.10
CA ARG A 36 -0.81 -5.28 9.52
C ARG A 36 -1.16 -6.14 8.32
N GLY A 37 -0.66 -5.72 7.16
CA GLY A 37 -0.91 -6.45 5.92
C GLY A 37 -2.31 -6.13 5.38
N ASN A 38 -2.70 -4.88 5.54
CA ASN A 38 -4.00 -4.43 5.07
C ASN A 38 -3.83 -3.62 3.79
N LYS A 39 -4.27 -4.19 2.68
CA LYS A 39 -4.17 -3.53 1.39
C LYS A 39 -5.05 -2.28 1.40
N ASP A 40 -6.31 -2.48 1.75
CA ASP A 40 -7.26 -1.39 1.80
C ASP A 40 -6.68 -0.25 2.64
N ALA A 41 -6.16 -0.62 3.81
CA ALA A 41 -5.57 0.35 4.71
C ALA A 41 -4.30 0.91 4.08
N ALA A 42 -3.56 0.04 3.42
CA ALA A 42 -2.33 0.44 2.77
C ALA A 42 -2.63 1.46 1.67
N ILE A 43 -3.51 1.05 0.77
CA ILE A 43 -3.91 1.91 -0.33
C ILE A 43 -4.33 3.28 0.22
N ASN A 44 -5.26 3.25 1.15
CA ASN A 44 -5.75 4.47 1.77
C ASN A 44 -4.57 5.27 2.32
N SER A 45 -3.61 4.54 2.87
CA SER A 45 -2.42 5.17 3.43
C SER A 45 -1.57 5.77 2.31
N LEU A 46 -1.39 4.99 1.26
CA LEU A 46 -0.59 5.43 0.13
C LEU A 46 -1.27 6.64 -0.52
N LEU A 47 -2.57 6.49 -0.75
CA LEU A 47 -3.34 7.56 -1.36
C LEU A 47 -2.96 8.89 -0.73
N GLN A 48 -3.19 8.98 0.57
CA GLN A 48 -2.88 10.19 1.32
C GLN A 48 -1.42 10.60 1.07
N MET A 49 -0.53 9.64 1.32
CA MET A 49 0.89 9.89 1.13
C MET A 49 1.15 10.60 -0.19
N GLY A 50 1.88 11.71 -0.10
CA GLY A 50 2.22 12.49 -1.29
C GLY A 50 0.95 12.88 -2.05
N GLU A 51 1.05 12.83 -3.36
CA GLU A 51 -0.08 13.17 -4.22
C GLU A 51 -0.54 14.60 -3.92
N GLU A 52 -0.29 15.48 -4.89
CA GLU A 52 -0.67 16.87 -4.75
C GLU A 52 -2.18 17.03 -4.92
N PRO A 53 -2.74 18.06 -4.23
CA PRO A 53 -4.16 18.32 -4.31
C PRO A 53 -4.53 18.98 -5.64
N SER A 54 -4.23 18.27 -6.72
CA SER A 54 -4.51 18.77 -8.05
C SER A 54 -5.62 17.93 -8.69
N GLY A 55 -6.85 18.33 -8.41
CA GLY A 55 -8.01 17.63 -8.94
C GLY A 55 -9.07 17.42 -7.87
N PRO A 56 -10.34 17.23 -8.34
CA PRO A 56 -11.44 17.02 -7.43
C PRO A 56 -11.42 15.60 -6.85
N SER A 57 -12.14 15.44 -5.75
CA SER A 57 -12.22 14.14 -5.10
C SER A 57 -13.37 14.12 -4.10
N SER A 58 -13.26 14.97 -3.09
CA SER A 58 -14.28 15.05 -2.06
C SER A 58 -15.39 16.02 -2.51
N GLY A 59 -16.47 16.03 -1.74
CA GLY A 59 -17.59 16.89 -2.05
C GLY A 59 -17.12 18.29 -2.48
N GLY A 1 -14.72 -12.77 10.59
CA GLY A 1 -14.02 -13.84 9.90
C GLY A 1 -12.97 -14.49 10.82
N SER A 2 -12.63 -15.72 10.48
CA SER A 2 -11.65 -16.46 11.26
C SER A 2 -10.24 -15.98 10.91
N SER A 3 -9.31 -16.28 11.80
CA SER A 3 -7.92 -15.88 11.60
C SER A 3 -7.48 -16.22 10.19
N GLY A 4 -7.61 -17.50 9.85
CA GLY A 4 -7.24 -17.97 8.53
C GLY A 4 -5.77 -17.63 8.23
N SER A 5 -5.58 -16.78 7.23
CA SER A 5 -4.25 -16.37 6.83
C SER A 5 -4.11 -14.86 6.95
N SER A 6 -3.59 -14.43 8.09
CA SER A 6 -3.40 -13.01 8.34
C SER A 6 -1.90 -12.68 8.35
N GLY A 7 -1.54 -11.77 7.45
CA GLY A 7 -0.15 -11.35 7.34
C GLY A 7 0.14 -10.75 5.97
N CYS A 8 1.36 -10.27 5.80
CA CYS A 8 1.77 -9.68 4.54
C CYS A 8 1.43 -10.65 3.42
N SER A 9 1.60 -10.17 2.19
CA SER A 9 1.30 -10.99 1.02
C SER A 9 1.91 -10.35 -0.23
N GLU A 10 2.23 -11.19 -1.20
CA GLU A 10 2.81 -10.72 -2.44
C GLU A 10 1.72 -10.34 -3.43
N GLU A 11 0.56 -10.95 -3.25
CA GLU A 11 -0.59 -10.69 -4.11
C GLU A 11 -1.13 -9.29 -3.85
N ASP A 12 -1.45 -9.03 -2.60
CA ASP A 12 -1.99 -7.73 -2.20
C ASP A 12 -1.01 -6.64 -2.62
N LEU A 13 0.26 -6.89 -2.37
CA LEU A 13 1.31 -5.94 -2.71
C LEU A 13 1.23 -5.64 -4.21
N LYS A 14 1.62 -6.63 -5.00
CA LYS A 14 1.61 -6.49 -6.44
C LYS A 14 0.35 -5.71 -6.86
N ALA A 15 -0.73 -5.98 -6.16
CA ALA A 15 -1.99 -5.32 -6.44
C ALA A 15 -1.82 -3.81 -6.29
N ILE A 16 -1.44 -3.40 -5.09
CA ILE A 16 -1.23 -2.00 -4.80
C ILE A 16 -0.25 -1.41 -5.82
N GLN A 17 0.86 -2.11 -5.99
CA GLN A 17 1.88 -1.67 -6.92
C GLN A 17 1.25 -1.22 -8.24
N ASP A 18 0.41 -2.08 -8.78
CA ASP A 18 -0.28 -1.77 -10.03
C ASP A 18 -0.95 -0.42 -9.92
N MET A 19 -1.62 -0.21 -8.79
CA MET A 19 -2.32 1.04 -8.54
C MET A 19 -1.34 2.20 -8.39
N PHE A 20 -0.21 1.90 -7.76
CA PHE A 20 0.82 2.89 -7.55
C PHE A 20 2.18 2.39 -8.00
N PRO A 21 2.37 2.36 -9.35
CA PRO A 21 3.62 1.90 -9.93
C PRO A 21 4.71 2.95 -9.78
N ASN A 22 4.30 4.21 -9.79
CA ASN A 22 5.24 5.31 -9.65
C ASN A 22 5.90 5.23 -8.28
N MET A 23 5.06 5.07 -7.26
CA MET A 23 5.54 4.98 -5.89
C MET A 23 6.67 3.95 -5.78
N ASP A 24 7.20 3.84 -4.57
CA ASP A 24 8.27 2.88 -4.31
C ASP A 24 7.68 1.59 -3.74
N GLN A 25 8.18 0.48 -4.26
CA GLN A 25 7.71 -0.82 -3.82
C GLN A 25 7.99 -1.00 -2.33
N GLU A 26 9.26 -0.91 -1.98
CA GLU A 26 9.67 -1.07 -0.59
C GLU A 26 8.76 -0.25 0.32
N VAL A 27 8.20 0.81 -0.23
CA VAL A 27 7.30 1.67 0.52
C VAL A 27 5.91 1.03 0.57
N ILE A 28 5.42 0.68 -0.61
CA ILE A 28 4.11 0.06 -0.72
C ILE A 28 4.05 -1.17 0.18
N ARG A 29 5.20 -1.80 0.35
CA ARG A 29 5.30 -2.99 1.18
C ARG A 29 5.48 -2.60 2.65
N SER A 30 6.03 -1.41 2.84
CA SER A 30 6.27 -0.90 4.18
C SER A 30 4.95 -0.45 4.82
N VAL A 31 3.94 -0.30 3.97
CA VAL A 31 2.63 0.12 4.43
C VAL A 31 1.78 -1.12 4.70
N LEU A 32 1.72 -1.99 3.70
CA LEU A 32 0.95 -3.22 3.81
C LEU A 32 1.37 -3.96 5.09
N GLU A 33 2.66 -3.94 5.34
CA GLU A 33 3.20 -4.62 6.52
C GLU A 33 2.82 -3.84 7.79
N ALA A 34 2.81 -2.52 7.64
CA ALA A 34 2.48 -1.65 8.77
C ALA A 34 0.96 -1.56 8.90
N GLN A 35 0.28 -2.14 7.93
CA GLN A 35 -1.18 -2.13 7.93
C GLN A 35 -1.72 -3.53 8.21
N ARG A 36 -1.07 -4.20 9.14
CA ARG A 36 -1.47 -5.55 9.52
C ARG A 36 -1.76 -6.38 8.26
N GLY A 37 -1.10 -6.00 7.18
CA GLY A 37 -1.28 -6.70 5.92
C GLY A 37 -2.62 -6.35 5.28
N ASN A 38 -2.92 -5.06 5.27
CA ASN A 38 -4.17 -4.57 4.70
C ASN A 38 -3.88 -3.90 3.35
N LYS A 39 -4.79 -4.10 2.42
CA LYS A 39 -4.65 -3.52 1.09
C LYS A 39 -5.33 -2.15 1.06
N ASP A 40 -6.62 -2.16 1.37
CA ASP A 40 -7.40 -0.93 1.39
C ASP A 40 -6.72 0.07 2.30
N ALA A 41 -6.47 -0.36 3.53
CA ALA A 41 -5.83 0.50 4.50
C ALA A 41 -4.49 1.00 3.95
N ALA A 42 -3.75 0.07 3.35
CA ALA A 42 -2.47 0.41 2.77
C ALA A 42 -2.65 1.43 1.64
N ILE A 43 -3.61 1.12 0.77
CA ILE A 43 -3.90 1.99 -0.35
C ILE A 43 -4.21 3.40 0.18
N ASN A 44 -5.01 3.44 1.22
CA ASN A 44 -5.39 4.72 1.82
C ASN A 44 -4.13 5.45 2.28
N SER A 45 -3.36 4.77 3.11
CA SER A 45 -2.12 5.34 3.63
C SER A 45 -1.30 5.91 2.47
N LEU A 46 -1.07 5.06 1.48
CA LEU A 46 -0.28 5.47 0.32
C LEU A 46 -0.94 6.70 -0.33
N LEU A 47 -2.20 6.54 -0.68
CA LEU A 47 -2.95 7.63 -1.30
C LEU A 47 -2.64 8.93 -0.56
N GLN A 48 -2.97 8.94 0.72
CA GLN A 48 -2.74 10.12 1.54
C GLN A 48 -1.25 10.49 1.53
N MET A 49 -0.43 9.56 1.99
CA MET A 49 0.99 9.78 2.04
C MET A 49 1.48 10.50 0.77
N GLY A 50 2.44 11.38 0.96
CA GLY A 50 2.99 12.13 -0.16
C GLY A 50 1.93 13.03 -0.80
N GLU A 51 1.92 14.28 -0.37
CA GLU A 51 0.97 15.24 -0.90
C GLU A 51 1.46 15.81 -2.23
N GLU A 52 1.03 15.16 -3.31
CA GLU A 52 1.42 15.60 -4.64
C GLU A 52 0.37 16.54 -5.22
N PRO A 53 0.85 17.45 -6.12
CA PRO A 53 -0.04 18.41 -6.75
C PRO A 53 -0.89 17.74 -7.84
N SER A 54 -1.71 16.80 -7.40
CA SER A 54 -2.58 16.08 -8.32
C SER A 54 -3.50 15.13 -7.53
N GLY A 55 -4.78 15.26 -7.79
CA GLY A 55 -5.77 14.42 -7.13
C GLY A 55 -6.98 15.24 -6.68
N PRO A 56 -8.13 14.53 -6.50
CA PRO A 56 -9.35 15.18 -6.08
C PRO A 56 -9.31 15.54 -4.59
N SER A 57 -9.67 16.79 -4.31
CA SER A 57 -9.66 17.27 -2.94
C SER A 57 -8.29 17.03 -2.30
N SER A 58 -8.11 17.61 -1.12
CA SER A 58 -6.86 17.48 -0.40
C SER A 58 -6.66 16.02 0.04
N GLY A 59 -7.63 15.54 0.80
CA GLY A 59 -7.58 14.17 1.30
C GLY A 59 -8.98 13.55 1.33
N GLY A 1 -2.47 -15.10 -4.52
CA GLY A 1 -2.67 -16.19 -3.58
C GLY A 1 -2.09 -17.49 -4.14
N SER A 2 -1.32 -18.18 -3.31
CA SER A 2 -0.71 -19.43 -3.71
C SER A 2 -0.37 -20.27 -2.48
N SER A 3 0.59 -19.75 -1.71
CA SER A 3 1.02 -20.43 -0.50
C SER A 3 1.38 -19.40 0.57
N GLY A 4 1.07 -19.76 1.82
CA GLY A 4 1.36 -18.89 2.94
C GLY A 4 0.36 -17.72 2.99
N SER A 5 -0.44 -17.70 4.03
CA SER A 5 -1.42 -16.66 4.21
C SER A 5 -1.53 -16.27 5.69
N SER A 6 -1.08 -15.05 5.98
CA SER A 6 -1.12 -14.56 7.34
C SER A 6 -0.72 -13.08 7.37
N GLY A 7 -1.70 -12.22 7.12
CA GLY A 7 -1.47 -10.79 7.12
C GLY A 7 -0.90 -10.33 5.77
N CYS A 8 0.38 -9.98 5.80
CA CYS A 8 1.05 -9.53 4.59
C CYS A 8 0.74 -10.51 3.46
N SER A 9 1.10 -10.12 2.25
CA SER A 9 0.87 -10.95 1.09
C SER A 9 1.57 -10.37 -0.13
N GLU A 10 1.87 -11.24 -1.09
CA GLU A 10 2.55 -10.82 -2.30
C GLU A 10 1.53 -10.41 -3.36
N GLU A 11 0.33 -10.96 -3.23
CA GLU A 11 -0.73 -10.67 -4.17
C GLU A 11 -1.32 -9.28 -3.89
N ASP A 12 -1.66 -9.06 -2.62
CA ASP A 12 -2.23 -7.79 -2.20
C ASP A 12 -1.23 -6.67 -2.51
N LEU A 13 0.04 -7.01 -2.40
CA LEU A 13 1.10 -6.05 -2.65
C LEU A 13 1.13 -5.72 -4.15
N LYS A 14 1.58 -6.69 -4.94
CA LYS A 14 1.65 -6.51 -6.37
C LYS A 14 0.43 -5.73 -6.85
N ALA A 15 -0.67 -5.92 -6.14
CA ALA A 15 -1.91 -5.24 -6.49
C ALA A 15 -1.71 -3.73 -6.38
N ILE A 16 -1.35 -3.30 -5.17
CA ILE A 16 -1.12 -1.89 -4.93
C ILE A 16 -0.12 -1.34 -5.95
N GLN A 17 1.03 -2.02 -6.02
CA GLN A 17 2.07 -1.62 -6.95
C GLN A 17 1.46 -1.17 -8.27
N ASP A 18 0.61 -2.01 -8.81
CA ASP A 18 -0.05 -1.71 -10.07
C ASP A 18 -0.70 -0.33 -9.99
N MET A 19 -1.43 -0.12 -8.90
CA MET A 19 -2.10 1.14 -8.68
C MET A 19 -1.10 2.29 -8.55
N PHE A 20 0.00 1.99 -7.88
CA PHE A 20 1.05 2.98 -7.68
C PHE A 20 2.42 2.43 -8.08
N PRO A 21 2.64 2.35 -9.42
CA PRO A 21 3.89 1.84 -9.94
C PRO A 21 5.02 2.87 -9.78
N ASN A 22 4.63 4.14 -9.89
CA ASN A 22 5.59 5.22 -9.77
C ASN A 22 6.22 5.17 -8.37
N MET A 23 5.36 4.98 -7.38
CA MET A 23 5.82 4.91 -6.00
C MET A 23 6.91 3.85 -5.84
N ASP A 24 7.43 3.77 -4.62
CA ASP A 24 8.49 2.81 -4.32
C ASP A 24 7.85 1.53 -3.76
N GLN A 25 8.25 0.41 -4.36
CA GLN A 25 7.73 -0.87 -3.94
C GLN A 25 8.00 -1.09 -2.44
N GLU A 26 9.27 -0.98 -2.09
CA GLU A 26 9.68 -1.17 -0.71
C GLU A 26 8.76 -0.38 0.23
N VAL A 27 8.33 0.78 -0.26
CA VAL A 27 7.45 1.63 0.52
C VAL A 27 6.05 1.01 0.57
N ILE A 28 5.53 0.71 -0.61
CA ILE A 28 4.21 0.11 -0.72
C ILE A 28 4.15 -1.13 0.17
N ARG A 29 5.29 -1.77 0.31
CA ARG A 29 5.38 -2.97 1.14
C ARG A 29 5.58 -2.60 2.60
N SER A 30 6.12 -1.40 2.81
CA SER A 30 6.37 -0.91 4.15
C SER A 30 5.06 -0.43 4.79
N VAL A 31 4.07 -0.24 3.94
CA VAL A 31 2.77 0.21 4.41
C VAL A 31 1.88 -1.00 4.68
N LEU A 32 1.82 -1.89 3.71
CA LEU A 32 1.01 -3.09 3.84
C LEU A 32 1.37 -3.81 5.14
N GLU A 33 2.67 -3.86 5.41
CA GLU A 33 3.16 -4.51 6.62
C GLU A 33 2.75 -3.70 7.85
N ALA A 34 2.88 -2.39 7.73
CA ALA A 34 2.53 -1.49 8.82
C ALA A 34 1.02 -1.40 8.93
N GLN A 35 0.34 -1.94 7.93
CA GLN A 35 -1.11 -1.92 7.91
C GLN A 35 -1.67 -3.32 8.21
N ARG A 36 -0.99 -4.00 9.12
CA ARG A 36 -1.40 -5.34 9.50
C ARG A 36 -1.75 -6.17 8.26
N GLY A 37 -1.12 -5.80 7.16
CA GLY A 37 -1.36 -6.50 5.90
C GLY A 37 -2.74 -6.18 5.34
N ASN A 38 -3.11 -4.92 5.44
CA ASN A 38 -4.41 -4.47 4.96
C ASN A 38 -4.21 -3.59 3.71
N LYS A 39 -4.47 -4.18 2.56
CA LYS A 39 -4.33 -3.47 1.31
C LYS A 39 -5.13 -2.17 1.37
N ASP A 40 -6.44 -2.32 1.52
CA ASP A 40 -7.33 -1.18 1.60
C ASP A 40 -6.68 -0.09 2.47
N ALA A 41 -6.42 -0.46 3.71
CA ALA A 41 -5.80 0.47 4.66
C ALA A 41 -4.54 1.06 4.03
N ALA A 42 -3.76 0.19 3.41
CA ALA A 42 -2.53 0.61 2.77
C ALA A 42 -2.85 1.61 1.67
N ILE A 43 -3.60 1.15 0.67
CA ILE A 43 -3.99 1.99 -0.44
C ILE A 43 -4.38 3.37 0.09
N ASN A 44 -5.23 3.36 1.12
CA ASN A 44 -5.68 4.60 1.72
C ASN A 44 -4.49 5.35 2.31
N SER A 45 -3.63 4.60 2.98
CA SER A 45 -2.44 5.17 3.59
C SER A 45 -1.55 5.79 2.52
N LEU A 46 -1.30 5.02 1.48
CA LEU A 46 -0.46 5.47 0.39
C LEU A 46 -1.10 6.70 -0.26
N LEU A 47 -2.37 6.56 -0.59
CA LEU A 47 -3.11 7.64 -1.22
C LEU A 47 -2.74 8.97 -0.54
N GLN A 48 -3.01 9.03 0.76
CA GLN A 48 -2.70 10.22 1.53
C GLN A 48 -1.20 10.52 1.49
N MET A 49 -0.43 9.54 1.95
CA MET A 49 1.02 9.68 1.97
C MET A 49 1.54 10.20 0.63
N GLY A 50 2.71 10.81 0.68
CA GLY A 50 3.33 11.36 -0.52
C GLY A 50 3.99 12.70 -0.23
N GLU A 51 4.24 13.44 -1.30
CA GLU A 51 4.88 14.74 -1.18
C GLU A 51 6.22 14.60 -0.45
N GLU A 52 7.25 14.25 -1.21
CA GLU A 52 8.58 14.09 -0.65
C GLU A 52 9.57 15.00 -1.38
N PRO A 53 10.63 15.41 -0.62
CA PRO A 53 11.65 16.28 -1.17
C PRO A 53 12.57 15.52 -2.13
N SER A 54 11.96 14.92 -3.13
CA SER A 54 12.71 14.16 -4.12
C SER A 54 12.37 14.64 -5.53
N GLY A 55 11.15 14.36 -5.94
CA GLY A 55 10.69 14.76 -7.26
C GLY A 55 9.17 14.90 -7.30
N PRO A 56 8.68 15.65 -8.33
CA PRO A 56 7.26 15.88 -8.48
C PRO A 56 6.56 14.63 -9.02
N SER A 57 5.61 14.13 -8.24
CA SER A 57 4.87 12.95 -8.62
C SER A 57 3.98 13.25 -9.83
N SER A 58 4.51 12.98 -11.01
CA SER A 58 3.78 13.22 -12.24
C SER A 58 3.43 11.88 -12.90
N GLY A 59 4.46 11.13 -13.22
CA GLY A 59 4.28 9.84 -13.86
C GLY A 59 4.98 9.80 -15.23
N GLY A 1 -14.37 -14.75 6.32
CA GLY A 1 -14.36 -16.20 6.29
C GLY A 1 -13.06 -16.73 5.67
N SER A 2 -12.99 -16.63 4.36
CA SER A 2 -11.81 -17.09 3.63
C SER A 2 -10.62 -16.18 3.94
N SER A 3 -10.04 -16.38 5.10
CA SER A 3 -8.90 -15.59 5.52
C SER A 3 -7.94 -16.44 6.35
N GLY A 4 -6.68 -16.04 6.34
CA GLY A 4 -5.66 -16.75 7.09
C GLY A 4 -4.79 -15.79 7.90
N SER A 5 -4.33 -16.26 9.04
CA SER A 5 -3.48 -15.45 9.91
C SER A 5 -2.12 -15.25 9.26
N SER A 6 -2.10 -14.41 8.23
CA SER A 6 -0.86 -14.11 7.52
C SER A 6 -0.54 -12.63 7.62
N GLY A 7 0.71 -12.30 7.31
CA GLY A 7 1.16 -10.92 7.37
C GLY A 7 1.03 -10.24 6.00
N CYS A 8 2.16 -10.08 5.34
CA CYS A 8 2.18 -9.44 4.04
C CYS A 8 1.92 -10.52 2.98
N SER A 9 1.70 -10.07 1.76
CA SER A 9 1.44 -10.98 0.66
C SER A 9 2.00 -10.40 -0.65
N GLU A 10 2.30 -11.29 -1.57
CA GLU A 10 2.85 -10.89 -2.86
C GLU A 10 1.72 -10.55 -3.84
N GLU A 11 0.57 -11.19 -3.61
CA GLU A 11 -0.59 -10.96 -4.45
C GLU A 11 -1.18 -9.57 -4.19
N ASP A 12 -1.29 -9.24 -2.92
CA ASP A 12 -1.84 -7.95 -2.52
C ASP A 12 -0.87 -6.85 -2.95
N LEU A 13 0.40 -7.05 -2.64
CA LEU A 13 1.43 -6.09 -2.98
C LEU A 13 1.24 -5.66 -4.44
N LYS A 14 1.54 -6.57 -5.35
CA LYS A 14 1.41 -6.30 -6.77
C LYS A 14 0.14 -5.48 -7.01
N ALA A 15 -0.94 -5.93 -6.38
CA ALA A 15 -2.22 -5.24 -6.53
C ALA A 15 -2.01 -3.74 -6.34
N ILE A 16 -1.45 -3.38 -5.19
CA ILE A 16 -1.19 -1.99 -4.89
C ILE A 16 -0.26 -1.40 -5.94
N GLN A 17 0.89 -2.04 -6.11
CA GLN A 17 1.87 -1.59 -7.08
C GLN A 17 1.17 -1.13 -8.36
N ASP A 18 0.42 -2.03 -8.95
CA ASP A 18 -0.30 -1.73 -10.17
C ASP A 18 -1.03 -0.39 -10.01
N MET A 19 -1.68 -0.24 -8.87
CA MET A 19 -2.41 0.97 -8.57
C MET A 19 -1.46 2.14 -8.32
N PHE A 20 -0.32 1.82 -7.74
CA PHE A 20 0.70 2.82 -7.44
C PHE A 20 2.09 2.35 -7.85
N PRO A 21 2.37 2.46 -9.17
CA PRO A 21 3.66 2.06 -9.70
C PRO A 21 4.75 3.07 -9.34
N ASN A 22 4.46 4.33 -9.63
CA ASN A 22 5.40 5.40 -9.34
C ASN A 22 5.99 5.19 -7.95
N MET A 23 5.12 4.81 -7.02
CA MET A 23 5.53 4.57 -5.65
C MET A 23 6.61 3.49 -5.58
N ASP A 24 7.36 3.52 -4.49
CA ASP A 24 8.43 2.54 -4.28
C ASP A 24 7.84 1.28 -3.67
N GLN A 25 8.22 0.14 -4.24
CA GLN A 25 7.74 -1.14 -3.76
C GLN A 25 8.03 -1.28 -2.26
N GLU A 26 9.31 -1.28 -1.94
CA GLU A 26 9.73 -1.40 -0.55
C GLU A 26 8.81 -0.58 0.36
N VAL A 27 8.47 0.61 -0.12
CA VAL A 27 7.61 1.50 0.64
C VAL A 27 6.22 0.87 0.76
N ILE A 28 5.66 0.52 -0.39
CA ILE A 28 4.34 -0.08 -0.44
C ILE A 28 4.23 -1.13 0.67
N ARG A 29 5.25 -1.98 0.74
CA ARG A 29 5.27 -3.03 1.75
C ARG A 29 5.32 -2.42 3.16
N SER A 30 6.17 -1.42 3.30
CA SER A 30 6.32 -0.74 4.58
C SER A 30 4.99 -0.16 5.02
N VAL A 31 4.07 -0.05 4.06
CA VAL A 31 2.75 0.48 4.34
C VAL A 31 1.80 -0.66 4.69
N LEU A 32 1.76 -1.65 3.81
CA LEU A 32 0.91 -2.81 4.00
C LEU A 32 1.27 -3.49 5.33
N GLU A 33 2.57 -3.55 5.59
CA GLU A 33 3.06 -4.16 6.80
C GLU A 33 2.71 -3.30 8.02
N ALA A 34 2.81 -1.98 7.82
CA ALA A 34 2.51 -1.04 8.88
C ALA A 34 0.99 -0.94 9.05
N GLN A 35 0.27 -1.52 8.10
CA GLN A 35 -1.17 -1.51 8.12
C GLN A 35 -1.71 -2.90 8.48
N ARG A 36 -1.04 -3.54 9.43
CA ARG A 36 -1.43 -4.87 9.85
C ARG A 36 -1.82 -5.72 8.65
N GLY A 37 -1.07 -5.56 7.58
CA GLY A 37 -1.32 -6.31 6.36
C GLY A 37 -2.72 -6.02 5.81
N ASN A 38 -3.03 -4.72 5.73
CA ASN A 38 -4.32 -4.30 5.23
C ASN A 38 -4.12 -3.47 3.96
N LYS A 39 -4.31 -4.14 2.83
CA LYS A 39 -4.16 -3.48 1.54
C LYS A 39 -5.01 -2.21 1.51
N ASP A 40 -6.31 -2.40 1.68
CA ASP A 40 -7.24 -1.28 1.67
C ASP A 40 -6.66 -0.14 2.51
N ALA A 41 -6.43 -0.45 3.78
CA ALA A 41 -5.88 0.54 4.69
C ALA A 41 -4.62 1.16 4.08
N ALA A 42 -3.79 0.30 3.52
CA ALA A 42 -2.56 0.75 2.90
C ALA A 42 -2.89 1.70 1.74
N ILE A 43 -3.80 1.25 0.90
CA ILE A 43 -4.21 2.05 -0.25
C ILE A 43 -4.55 3.46 0.22
N ASN A 44 -5.22 3.53 1.36
CA ASN A 44 -5.60 4.82 1.93
C ASN A 44 -4.35 5.57 2.38
N SER A 45 -3.47 4.83 3.06
CA SER A 45 -2.23 5.41 3.54
C SER A 45 -1.38 5.91 2.37
N LEU A 46 -1.32 5.09 1.33
CA LEU A 46 -0.55 5.43 0.15
C LEU A 46 -1.17 6.68 -0.51
N LEU A 47 -2.46 6.58 -0.79
CA LEU A 47 -3.18 7.68 -1.41
C LEU A 47 -2.72 9.00 -0.78
N GLN A 48 -2.95 9.11 0.52
CA GLN A 48 -2.58 10.30 1.25
C GLN A 48 -1.08 10.58 1.08
N MET A 49 -0.28 9.61 1.45
CA MET A 49 1.17 9.73 1.35
C MET A 49 1.56 10.38 0.02
N GLY A 50 2.60 11.20 0.09
CA GLY A 50 3.09 11.90 -1.09
C GLY A 50 2.09 12.96 -1.55
N GLU A 51 2.40 13.57 -2.68
CA GLU A 51 1.54 14.60 -3.24
C GLU A 51 1.60 14.56 -4.77
N GLU A 52 0.46 14.20 -5.37
CA GLU A 52 0.37 14.13 -6.81
C GLU A 52 -0.73 15.06 -7.33
N PRO A 53 -0.38 15.83 -8.39
CA PRO A 53 -1.33 16.76 -8.99
C PRO A 53 -2.39 16.02 -9.81
N SER A 54 -3.59 16.56 -9.80
CA SER A 54 -4.68 15.97 -10.54
C SER A 54 -4.67 14.45 -10.37
N GLY A 55 -5.41 13.99 -9.37
CA GLY A 55 -5.48 12.57 -9.09
C GLY A 55 -6.92 12.15 -8.78
N PRO A 56 -7.09 10.84 -8.45
CA PRO A 56 -8.40 10.31 -8.14
C PRO A 56 -8.85 10.74 -6.75
N SER A 57 -9.56 11.86 -6.71
CA SER A 57 -10.06 12.40 -5.47
C SER A 57 -11.14 11.48 -4.89
N SER A 58 -10.82 10.90 -3.73
CA SER A 58 -11.74 10.00 -3.07
C SER A 58 -12.52 10.74 -1.99
N GLY A 59 -13.74 11.12 -2.32
CA GLY A 59 -14.58 11.84 -1.38
C GLY A 59 -14.47 13.36 -1.58
N GLY A 1 -11.99 -10.51 12.44
CA GLY A 1 -11.00 -9.74 11.72
C GLY A 1 -10.25 -10.62 10.71
N SER A 2 -9.32 -11.40 11.24
CA SER A 2 -8.54 -12.30 10.41
C SER A 2 -7.68 -13.21 11.28
N SER A 3 -7.61 -14.48 10.87
CA SER A 3 -6.82 -15.45 11.61
C SER A 3 -5.32 -15.16 11.45
N GLY A 4 -4.63 -15.25 12.57
CA GLY A 4 -3.19 -14.99 12.57
C GLY A 4 -2.41 -16.22 12.09
N SER A 5 -1.88 -16.11 10.90
CA SER A 5 -1.11 -17.19 10.31
C SER A 5 -0.15 -16.65 9.25
N SER A 6 -0.73 -15.98 8.26
CA SER A 6 0.05 -15.41 7.18
C SER A 6 0.14 -13.90 7.35
N GLY A 7 -1.03 -13.27 7.42
CA GLY A 7 -1.09 -11.82 7.58
C GLY A 7 -1.00 -11.12 6.22
N CYS A 8 0.14 -10.48 6.00
CA CYS A 8 0.37 -9.77 4.76
C CYS A 8 0.46 -10.79 3.63
N SER A 9 0.74 -10.29 2.43
CA SER A 9 0.84 -11.14 1.26
C SER A 9 1.49 -10.37 0.12
N GLU A 10 2.04 -11.14 -0.83
CA GLU A 10 2.69 -10.54 -1.98
C GLU A 10 1.66 -10.22 -3.06
N GLU A 11 0.55 -10.94 -3.02
CA GLU A 11 -0.51 -10.74 -3.99
C GLU A 11 -1.15 -9.36 -3.80
N ASP A 12 -1.38 -9.03 -2.54
CA ASP A 12 -2.00 -7.74 -2.21
C ASP A 12 -1.01 -6.62 -2.57
N LEU A 13 0.26 -6.89 -2.34
CA LEU A 13 1.30 -5.91 -2.65
C LEU A 13 1.29 -5.60 -4.14
N LYS A 14 1.73 -6.59 -4.91
CA LYS A 14 1.78 -6.44 -6.36
C LYS A 14 0.53 -5.68 -6.83
N ALA A 15 -0.59 -6.02 -6.21
CA ALA A 15 -1.85 -5.38 -6.56
C ALA A 15 -1.71 -3.87 -6.43
N ILE A 16 -1.38 -3.43 -5.22
CA ILE A 16 -1.21 -2.01 -4.96
C ILE A 16 -0.24 -1.43 -5.97
N GLN A 17 0.88 -2.12 -6.15
CA GLN A 17 1.89 -1.68 -7.10
C GLN A 17 1.25 -1.19 -8.38
N ASP A 18 0.40 -2.04 -8.94
CA ASP A 18 -0.29 -1.70 -10.18
C ASP A 18 -0.96 -0.33 -10.03
N MET A 19 -1.62 -0.15 -8.90
CA MET A 19 -2.30 1.10 -8.62
C MET A 19 -1.30 2.25 -8.48
N PHE A 20 -0.17 1.93 -7.88
CA PHE A 20 0.87 2.92 -7.67
C PHE A 20 2.23 2.38 -8.11
N PRO A 21 2.43 2.35 -9.46
CA PRO A 21 3.67 1.87 -10.02
C PRO A 21 4.80 2.90 -9.84
N ASN A 22 4.40 4.16 -9.88
CA ASN A 22 5.37 5.25 -9.72
C ASN A 22 6.01 5.16 -8.34
N MET A 23 5.15 5.00 -7.33
CA MET A 23 5.64 4.89 -5.96
C MET A 23 6.73 3.84 -5.84
N ASP A 24 7.33 3.79 -4.66
CA ASP A 24 8.39 2.82 -4.40
C ASP A 24 7.79 1.55 -3.81
N GLN A 25 8.26 0.42 -4.32
CA GLN A 25 7.77 -0.86 -3.86
C GLN A 25 8.07 -1.03 -2.37
N GLU A 26 9.34 -0.91 -2.02
CA GLU A 26 9.76 -1.05 -0.64
C GLU A 26 8.82 -0.27 0.28
N VAL A 27 8.20 0.76 -0.29
CA VAL A 27 7.27 1.58 0.47
C VAL A 27 5.90 0.91 0.49
N ILE A 28 5.39 0.63 -0.70
CA ILE A 28 4.09 0.00 -0.84
C ILE A 28 4.03 -1.21 0.10
N ARG A 29 5.18 -1.82 0.31
CA ARG A 29 5.26 -2.99 1.17
C ARG A 29 5.39 -2.56 2.63
N SER A 30 6.11 -1.45 2.83
CA SER A 30 6.32 -0.92 4.16
C SER A 30 4.98 -0.45 4.75
N VAL A 31 3.99 -0.33 3.88
CA VAL A 31 2.67 0.10 4.30
C VAL A 31 1.79 -1.13 4.58
N LEU A 32 1.71 -1.99 3.58
CA LEU A 32 0.92 -3.21 3.72
C LEU A 32 1.36 -3.95 4.97
N GLU A 33 2.66 -3.96 5.21
CA GLU A 33 3.21 -4.65 6.37
C GLU A 33 2.94 -3.82 7.63
N ALA A 34 2.91 -2.52 7.46
CA ALA A 34 2.66 -1.62 8.57
C ALA A 34 1.15 -1.50 8.81
N GLN A 35 0.39 -2.05 7.87
CA GLN A 35 -1.05 -2.02 7.96
C GLN A 35 -1.60 -3.40 8.35
N ARG A 36 -0.75 -4.16 9.01
CA ARG A 36 -1.13 -5.49 9.45
C ARG A 36 -1.42 -6.39 8.23
N GLY A 37 -1.04 -5.88 7.07
CA GLY A 37 -1.26 -6.62 5.83
C GLY A 37 -2.61 -6.25 5.20
N ASN A 38 -2.93 -4.96 5.29
CA ASN A 38 -4.18 -4.47 4.73
C ASN A 38 -3.92 -3.88 3.34
N LYS A 39 -4.84 -4.14 2.44
CA LYS A 39 -4.73 -3.64 1.08
C LYS A 39 -5.41 -2.28 0.98
N ASP A 40 -6.63 -2.22 1.49
CA ASP A 40 -7.40 -0.98 1.46
C ASP A 40 -6.73 0.03 2.40
N ALA A 41 -6.47 -0.41 3.61
CA ALA A 41 -5.85 0.45 4.60
C ALA A 41 -4.51 0.96 4.06
N ALA A 42 -3.84 0.08 3.33
CA ALA A 42 -2.55 0.44 2.74
C ALA A 42 -2.75 1.50 1.66
N ILE A 43 -3.64 1.18 0.73
CA ILE A 43 -3.94 2.08 -0.37
C ILE A 43 -4.25 3.47 0.20
N ASN A 44 -5.15 3.49 1.18
CA ASN A 44 -5.56 4.73 1.80
C ASN A 44 -4.31 5.43 2.37
N SER A 45 -3.47 4.63 3.01
CA SER A 45 -2.25 5.16 3.60
C SER A 45 -1.36 5.77 2.52
N LEU A 46 -1.20 5.01 1.44
CA LEU A 46 -0.39 5.46 0.33
C LEU A 46 -0.98 6.75 -0.25
N LEU A 47 -2.26 6.67 -0.59
CA LEU A 47 -2.95 7.82 -1.16
C LEU A 47 -2.56 9.08 -0.38
N GLN A 48 -2.86 9.06 0.91
CA GLN A 48 -2.56 10.18 1.78
C GLN A 48 -1.07 10.52 1.70
N MET A 49 -0.26 9.55 2.10
CA MET A 49 1.18 9.72 2.09
C MET A 49 1.64 10.38 0.79
N GLY A 50 2.58 11.30 0.92
CA GLY A 50 3.11 12.01 -0.23
C GLY A 50 4.04 13.14 0.19
N GLU A 51 3.57 14.36 -0.01
CA GLU A 51 4.34 15.54 0.35
C GLU A 51 3.41 16.69 0.73
N GLU A 52 3.64 17.22 1.92
CA GLU A 52 2.83 18.33 2.42
C GLU A 52 3.39 19.66 1.90
N PRO A 53 2.46 20.65 1.76
CA PRO A 53 2.85 21.97 1.29
C PRO A 53 3.58 22.75 2.38
N SER A 54 4.70 22.19 2.82
CA SER A 54 5.50 22.83 3.84
C SER A 54 6.99 22.53 3.62
N GLY A 55 7.33 21.25 3.73
CA GLY A 55 8.70 20.82 3.54
C GLY A 55 8.76 19.35 3.15
N PRO A 56 10.02 18.85 2.97
CA PRO A 56 10.23 17.47 2.60
C PRO A 56 10.00 16.54 3.79
N SER A 57 10.03 15.24 3.51
CA SER A 57 9.83 14.25 4.55
C SER A 57 10.40 12.90 4.11
N SER A 58 11.30 12.37 4.92
CA SER A 58 11.92 11.09 4.62
C SER A 58 10.89 9.97 4.68
N GLY A 59 10.97 9.08 3.71
CA GLY A 59 10.05 7.96 3.64
C GLY A 59 9.58 7.72 2.19
N GLY A 1 -11.19 -12.98 12.85
CA GLY A 1 -10.30 -13.36 13.94
C GLY A 1 -10.39 -14.87 14.20
N SER A 2 -9.98 -15.64 13.19
CA SER A 2 -9.99 -17.08 13.31
C SER A 2 -8.65 -17.66 12.85
N SER A 3 -7.69 -17.64 13.75
CA SER A 3 -6.36 -18.15 13.45
C SER A 3 -5.95 -17.72 12.04
N GLY A 4 -5.49 -16.47 11.95
CA GLY A 4 -5.05 -15.93 10.67
C GLY A 4 -3.65 -15.35 10.79
N SER A 5 -2.67 -16.19 10.45
CA SER A 5 -1.28 -15.78 10.51
C SER A 5 -0.66 -15.83 9.11
N SER A 6 -0.77 -14.70 8.41
CA SER A 6 -0.23 -14.60 7.07
C SER A 6 0.69 -13.38 6.96
N GLY A 7 0.12 -12.23 7.25
CA GLY A 7 0.87 -10.99 7.18
C GLY A 7 0.96 -10.47 5.75
N CYS A 8 2.14 -9.96 5.41
CA CYS A 8 2.37 -9.43 4.07
C CYS A 8 1.85 -10.44 3.05
N SER A 9 1.80 -10.01 1.80
CA SER A 9 1.32 -10.87 0.73
C SER A 9 1.71 -10.28 -0.62
N GLU A 10 2.06 -11.16 -1.55
CA GLU A 10 2.45 -10.74 -2.88
C GLU A 10 1.22 -10.29 -3.67
N GLU A 11 0.08 -10.85 -3.31
CA GLU A 11 -1.16 -10.52 -3.98
C GLU A 11 -1.45 -9.01 -3.86
N ASP A 12 -1.62 -8.58 -2.61
CA ASP A 12 -1.89 -7.18 -2.34
C ASP A 12 -0.79 -6.32 -2.96
N LEU A 13 0.45 -6.65 -2.63
CA LEU A 13 1.59 -5.93 -3.15
C LEU A 13 1.38 -5.67 -4.64
N LYS A 14 1.48 -6.74 -5.42
CA LYS A 14 1.32 -6.63 -6.86
C LYS A 14 0.11 -5.75 -7.17
N ALA A 15 -1.00 -6.08 -6.53
CA ALA A 15 -2.23 -5.33 -6.73
C ALA A 15 -1.95 -3.84 -6.52
N ILE A 16 -1.49 -3.52 -5.33
CA ILE A 16 -1.17 -2.14 -4.99
C ILE A 16 -0.17 -1.59 -6.01
N GLN A 17 0.96 -2.27 -6.10
CA GLN A 17 2.00 -1.86 -7.02
C GLN A 17 1.39 -1.37 -8.34
N ASP A 18 0.51 -2.19 -8.89
CA ASP A 18 -0.15 -1.85 -10.14
C ASP A 18 -0.79 -0.46 -10.01
N MET A 19 -1.53 -0.29 -8.91
CA MET A 19 -2.20 0.98 -8.66
C MET A 19 -1.18 2.11 -8.54
N PHE A 20 -0.08 1.81 -7.87
CA PHE A 20 0.98 2.79 -7.68
C PHE A 20 2.34 2.24 -8.10
N PRO A 21 2.56 2.21 -9.44
CA PRO A 21 3.81 1.70 -9.98
C PRO A 21 4.94 2.71 -9.79
N ASN A 22 4.60 3.98 -9.93
CA ASN A 22 5.56 5.04 -9.78
C ASN A 22 6.19 4.96 -8.38
N MET A 23 5.33 4.70 -7.40
CA MET A 23 5.78 4.59 -6.03
C MET A 23 6.88 3.53 -5.89
N ASP A 24 7.49 3.51 -4.71
CA ASP A 24 8.55 2.57 -4.44
C ASP A 24 7.97 1.35 -3.71
N GLN A 25 8.39 0.17 -4.15
CA GLN A 25 7.91 -1.06 -3.55
C GLN A 25 8.18 -1.05 -2.04
N GLU A 26 9.45 -0.86 -1.69
CA GLU A 26 9.84 -0.82 -0.30
C GLU A 26 8.83 -0.03 0.52
N VAL A 27 8.32 1.04 -0.08
CA VAL A 27 7.35 1.89 0.58
C VAL A 27 6.02 1.14 0.66
N ILE A 28 5.53 0.71 -0.48
CA ILE A 28 4.27 -0.01 -0.55
C ILE A 28 4.23 -1.05 0.57
N ARG A 29 5.26 -1.87 0.60
CA ARG A 29 5.35 -2.92 1.60
C ARG A 29 5.36 -2.30 3.01
N SER A 30 6.22 -1.31 3.17
CA SER A 30 6.34 -0.63 4.45
C SER A 30 4.95 -0.26 4.98
N VAL A 31 4.01 -0.14 4.05
CA VAL A 31 2.64 0.21 4.40
C VAL A 31 1.85 -1.08 4.67
N LEU A 32 1.86 -1.95 3.68
CA LEU A 32 1.14 -3.21 3.79
C LEU A 32 1.60 -3.95 5.04
N GLU A 33 2.91 -3.86 5.30
CA GLU A 33 3.48 -4.51 6.47
C GLU A 33 3.11 -3.74 7.74
N ALA A 34 2.94 -2.44 7.57
CA ALA A 34 2.58 -1.58 8.70
C ALA A 34 1.06 -1.64 8.91
N GLN A 35 0.37 -2.12 7.89
CA GLN A 35 -1.08 -2.22 7.95
C GLN A 35 -1.50 -3.64 8.29
N ARG A 36 -0.60 -4.34 8.99
CA ARG A 36 -0.86 -5.71 9.38
C ARG A 36 -1.16 -6.57 8.15
N GLY A 37 -0.70 -6.09 7.01
CA GLY A 37 -0.91 -6.80 5.76
C GLY A 37 -2.30 -6.51 5.20
N ASN A 38 -2.68 -5.24 5.24
CA ASN A 38 -3.98 -4.83 4.74
C ASN A 38 -3.79 -4.06 3.43
N LYS A 39 -4.78 -4.22 2.55
CA LYS A 39 -4.72 -3.55 1.26
C LYS A 39 -5.41 -2.19 1.37
N ASP A 40 -6.69 -2.23 1.70
CA ASP A 40 -7.46 -1.00 1.84
C ASP A 40 -6.72 -0.04 2.77
N ALA A 41 -6.37 -0.55 3.94
CA ALA A 41 -5.66 0.26 4.92
C ALA A 41 -4.37 0.78 4.30
N ALA A 42 -3.71 -0.09 3.56
CA ALA A 42 -2.47 0.28 2.90
C ALA A 42 -2.74 1.38 1.87
N ILE A 43 -3.59 1.05 0.91
CA ILE A 43 -3.95 1.99 -0.14
C ILE A 43 -4.20 3.36 0.48
N ASN A 44 -5.12 3.37 1.44
CA ASN A 44 -5.47 4.61 2.12
C ASN A 44 -4.20 5.42 2.39
N SER A 45 -3.28 4.79 3.11
CA SER A 45 -2.02 5.43 3.45
C SER A 45 -1.36 5.98 2.18
N LEU A 46 -0.97 5.07 1.31
CA LEU A 46 -0.32 5.45 0.06
C LEU A 46 -1.10 6.60 -0.57
N LEU A 47 -2.39 6.38 -0.76
CA LEU A 47 -3.25 7.38 -1.35
C LEU A 47 -2.89 8.77 -0.78
N GLN A 48 -3.02 8.88 0.53
CA GLN A 48 -2.72 10.13 1.21
C GLN A 48 -1.35 10.64 0.76
N MET A 49 -0.34 9.81 0.98
CA MET A 49 1.03 10.17 0.61
C MET A 49 1.05 10.86 -0.75
N GLY A 50 2.10 11.65 -0.95
CA GLY A 50 2.26 12.36 -2.21
C GLY A 50 1.51 13.70 -2.18
N GLU A 51 1.32 14.26 -3.37
CA GLU A 51 0.63 15.53 -3.49
C GLU A 51 -0.86 15.30 -3.80
N GLU A 52 -1.63 15.15 -2.74
CA GLU A 52 -3.07 14.92 -2.89
C GLU A 52 -3.85 16.18 -2.50
N PRO A 53 -5.01 16.37 -3.18
CA PRO A 53 -5.85 17.52 -2.91
C PRO A 53 -6.61 17.35 -1.58
N SER A 54 -5.84 17.29 -0.50
CA SER A 54 -6.43 17.12 0.82
C SER A 54 -7.54 16.09 0.77
N GLY A 55 -7.14 14.83 0.74
CA GLY A 55 -8.11 13.74 0.69
C GLY A 55 -8.82 13.58 2.02
N PRO A 56 -9.10 12.30 2.39
CA PRO A 56 -9.77 12.01 3.64
C PRO A 56 -8.84 12.19 4.84
N SER A 57 -7.64 11.63 4.69
CA SER A 57 -6.65 11.72 5.75
C SER A 57 -7.09 10.89 6.96
N SER A 58 -8.20 11.31 7.55
CA SER A 58 -8.73 10.62 8.71
C SER A 58 -10.25 10.46 8.56
N GLY A 59 -10.92 11.58 8.40
CA GLY A 59 -12.37 11.57 8.25
C GLY A 59 -13.06 11.81 9.60
N GLY A 1 18.60 -16.05 7.77
CA GLY A 1 17.82 -17.16 8.30
C GLY A 1 16.32 -16.95 8.06
N SER A 2 15.82 -17.63 7.04
CA SER A 2 14.41 -17.51 6.70
C SER A 2 13.54 -17.93 7.90
N SER A 3 13.06 -16.94 8.61
CA SER A 3 12.23 -17.18 9.78
C SER A 3 10.78 -17.41 9.34
N GLY A 4 10.23 -16.41 8.67
CA GLY A 4 8.86 -16.49 8.20
C GLY A 4 8.09 -15.21 8.53
N SER A 5 7.97 -14.34 7.54
CA SER A 5 7.27 -13.09 7.72
C SER A 5 5.78 -13.36 7.99
N SER A 6 5.12 -12.34 8.53
CA SER A 6 3.71 -12.46 8.85
C SER A 6 3.04 -11.08 8.76
N GLY A 7 1.95 -11.05 8.01
CA GLY A 7 1.21 -9.80 7.83
C GLY A 7 1.58 -9.13 6.52
N CYS A 8 1.49 -9.91 5.44
CA CYS A 8 1.82 -9.40 4.12
C CYS A 8 1.40 -10.46 3.09
N SER A 9 1.51 -10.07 1.82
CA SER A 9 1.14 -10.97 0.74
C SER A 9 1.64 -10.39 -0.60
N GLU A 10 2.00 -11.30 -1.50
CA GLU A 10 2.48 -10.90 -2.81
C GLU A 10 1.31 -10.45 -3.69
N GLU A 11 0.12 -10.91 -3.32
CA GLU A 11 -1.08 -10.57 -4.07
C GLU A 11 -1.40 -9.08 -3.91
N ASP A 12 -1.56 -8.67 -2.67
CA ASP A 12 -1.87 -7.28 -2.36
C ASP A 12 -0.80 -6.39 -2.96
N LEU A 13 0.45 -6.68 -2.61
CA LEU A 13 1.57 -5.91 -3.12
C LEU A 13 1.37 -5.64 -4.61
N LYS A 14 1.52 -6.70 -5.39
CA LYS A 14 1.36 -6.60 -6.83
C LYS A 14 0.14 -5.73 -7.15
N ALA A 15 -0.97 -6.10 -6.52
CA ALA A 15 -2.22 -5.38 -6.72
C ALA A 15 -1.98 -3.89 -6.49
N ILE A 16 -1.54 -3.57 -5.28
CA ILE A 16 -1.27 -2.19 -4.91
C ILE A 16 -0.27 -1.59 -5.91
N GLN A 17 0.88 -2.23 -5.99
CA GLN A 17 1.93 -1.78 -6.90
C GLN A 17 1.31 -1.31 -8.23
N ASP A 18 0.47 -2.16 -8.78
CA ASP A 18 -0.18 -1.85 -10.04
C ASP A 18 -0.89 -0.49 -9.92
N MET A 19 -1.65 -0.35 -8.86
CA MET A 19 -2.37 0.89 -8.61
C MET A 19 -1.42 2.08 -8.49
N PHE A 20 -0.24 1.79 -7.97
CA PHE A 20 0.78 2.82 -7.79
C PHE A 20 2.15 2.30 -8.22
N PRO A 21 2.36 2.29 -9.56
CA PRO A 21 3.64 1.82 -10.11
C PRO A 21 4.73 2.88 -9.91
N ASN A 22 4.32 4.13 -9.91
CA ASN A 22 5.24 5.23 -9.73
C ASN A 22 5.86 5.14 -8.34
N MET A 23 5.01 4.87 -7.36
CA MET A 23 5.45 4.77 -5.98
C MET A 23 6.62 3.78 -5.86
N ASP A 24 7.18 3.72 -4.65
CA ASP A 24 8.29 2.82 -4.39
C ASP A 24 7.78 1.58 -3.67
N GLN A 25 8.20 0.42 -4.19
CA GLN A 25 7.80 -0.85 -3.62
C GLN A 25 8.13 -0.88 -2.13
N GLU A 26 9.41 -0.71 -1.83
CA GLU A 26 9.87 -0.71 -0.45
C GLU A 26 8.87 0.02 0.44
N VAL A 27 8.35 1.12 -0.07
CA VAL A 27 7.39 1.92 0.67
C VAL A 27 6.08 1.14 0.79
N ILE A 28 5.54 0.76 -0.36
CA ILE A 28 4.30 0.01 -0.39
C ILE A 28 4.33 -1.08 0.68
N ARG A 29 5.37 -1.89 0.63
CA ARG A 29 5.53 -2.97 1.58
C ARG A 29 5.60 -2.41 3.01
N SER A 30 6.31 -1.30 3.14
CA SER A 30 6.45 -0.66 4.44
C SER A 30 5.07 -0.28 5.00
N VAL A 31 4.11 -0.17 4.08
CA VAL A 31 2.76 0.18 4.46
C VAL A 31 1.96 -1.11 4.75
N LEU A 32 1.98 -1.99 3.77
CA LEU A 32 1.26 -3.25 3.89
C LEU A 32 1.68 -3.93 5.19
N GLU A 33 2.98 -3.93 5.44
CA GLU A 33 3.52 -4.54 6.64
C GLU A 33 3.17 -3.69 7.87
N ALA A 34 2.98 -2.40 7.63
CA ALA A 34 2.64 -1.48 8.71
C ALA A 34 1.13 -1.42 8.87
N GLN A 35 0.44 -2.11 7.97
CA GLN A 35 -1.01 -2.15 8.00
C GLN A 35 -1.50 -3.56 8.33
N ARG A 36 -0.61 -4.33 8.95
CA ARG A 36 -0.93 -5.69 9.33
C ARG A 36 -1.20 -6.54 8.09
N GLY A 37 -0.85 -5.97 6.93
CA GLY A 37 -1.05 -6.66 5.67
C GLY A 37 -2.42 -6.34 5.07
N ASN A 38 -2.81 -5.08 5.23
CA ASN A 38 -4.09 -4.62 4.71
C ASN A 38 -3.88 -3.98 3.34
N LYS A 39 -4.88 -4.16 2.49
CA LYS A 39 -4.82 -3.61 1.14
C LYS A 39 -5.48 -2.22 1.14
N ASP A 40 -6.72 -2.20 1.62
CA ASP A 40 -7.48 -0.97 1.67
C ASP A 40 -6.79 0.01 2.64
N ALA A 41 -6.47 -0.52 3.81
CA ALA A 41 -5.81 0.29 4.84
C ALA A 41 -4.52 0.87 4.27
N ALA A 42 -3.83 0.04 3.49
CA ALA A 42 -2.58 0.47 2.88
C ALA A 42 -2.86 1.53 1.83
N ILE A 43 -3.66 1.16 0.84
CA ILE A 43 -4.00 2.07 -0.23
C ILE A 43 -4.29 3.45 0.37
N ASN A 44 -5.24 3.49 1.28
CA ASN A 44 -5.62 4.73 1.92
C ASN A 44 -4.36 5.46 2.40
N SER A 45 -3.43 4.68 2.94
CA SER A 45 -2.18 5.23 3.43
C SER A 45 -1.37 5.80 2.27
N LEU A 46 -1.07 4.92 1.32
CA LEU A 46 -0.30 5.31 0.15
C LEU A 46 -0.95 6.53 -0.50
N LEU A 47 -2.23 6.38 -0.80
CA LEU A 47 -2.98 7.46 -1.43
C LEU A 47 -2.59 8.79 -0.79
N GLN A 48 -2.83 8.89 0.50
CA GLN A 48 -2.50 10.10 1.24
C GLN A 48 -1.05 10.50 0.99
N MET A 49 -0.17 9.53 1.20
CA MET A 49 1.25 9.76 0.99
C MET A 49 1.52 10.36 -0.39
N GLY A 50 2.33 11.40 -0.41
CA GLY A 50 2.68 12.07 -1.66
C GLY A 50 2.43 13.58 -1.56
N GLU A 51 2.02 14.15 -2.68
CA GLU A 51 1.76 15.58 -2.73
C GLU A 51 0.25 15.84 -2.62
N GLU A 52 -0.16 16.28 -1.44
CA GLU A 52 -1.56 16.57 -1.20
C GLU A 52 -2.04 17.67 -2.13
N PRO A 53 -3.39 17.67 -2.38
CA PRO A 53 -3.99 18.66 -3.26
C PRO A 53 -4.10 20.01 -2.56
N SER A 54 -3.71 21.06 -3.28
CA SER A 54 -3.75 22.39 -2.74
C SER A 54 -3.18 22.42 -1.33
N GLY A 55 -1.90 22.72 -1.24
CA GLY A 55 -1.22 22.77 0.05
C GLY A 55 0.02 23.64 -0.02
N PRO A 56 0.44 24.16 1.17
CA PRO A 56 1.62 25.00 1.25
C PRO A 56 2.90 24.18 1.12
N SER A 57 4.02 24.87 1.21
CA SER A 57 5.32 24.22 1.10
C SER A 57 5.79 23.76 2.49
N SER A 58 6.08 22.47 2.58
CA SER A 58 6.54 21.89 3.82
C SER A 58 8.04 21.61 3.75
N GLY A 59 8.80 22.49 4.37
CA GLY A 59 10.25 22.35 4.39
C GLY A 59 10.84 22.56 2.99
N GLY A 1 2.65 -22.03 2.33
CA GLY A 1 2.21 -21.39 3.56
C GLY A 1 3.34 -20.59 4.21
N SER A 2 3.22 -20.39 5.51
CA SER A 2 4.22 -19.65 6.25
C SER A 2 4.26 -20.12 7.70
N SER A 3 5.44 -19.99 8.30
CA SER A 3 5.63 -20.41 9.68
C SER A 3 5.62 -19.18 10.60
N GLY A 4 5.53 -19.46 11.89
CA GLY A 4 5.50 -18.39 12.89
C GLY A 4 4.45 -17.34 12.54
N SER A 5 4.94 -16.16 12.17
CA SER A 5 4.06 -15.06 11.80
C SER A 5 4.60 -14.34 10.57
N SER A 6 3.84 -14.43 9.49
CA SER A 6 4.23 -13.79 8.24
C SER A 6 3.15 -12.79 7.81
N GLY A 7 1.94 -13.30 7.63
CA GLY A 7 0.83 -12.47 7.22
C GLY A 7 1.12 -11.79 5.88
N CYS A 8 0.84 -10.50 5.83
CA CYS A 8 1.07 -9.73 4.61
C CYS A 8 0.59 -10.57 3.42
N SER A 9 1.18 -10.28 2.27
CA SER A 9 0.83 -10.99 1.05
C SER A 9 1.52 -10.34 -0.16
N GLU A 10 1.97 -11.19 -1.06
CA GLU A 10 2.64 -10.72 -2.26
C GLU A 10 1.62 -10.34 -3.33
N GLU A 11 0.44 -10.93 -3.20
CA GLU A 11 -0.63 -10.67 -4.14
C GLU A 11 -1.25 -9.30 -3.88
N ASP A 12 -1.50 -9.03 -2.60
CA ASP A 12 -2.09 -7.76 -2.21
C ASP A 12 -1.10 -6.63 -2.48
N LEU A 13 0.18 -6.97 -2.40
CA LEU A 13 1.23 -5.99 -2.64
C LEU A 13 1.26 -5.64 -4.13
N LYS A 14 1.72 -6.61 -4.92
CA LYS A 14 1.80 -6.42 -6.35
C LYS A 14 0.58 -5.64 -6.85
N ALA A 15 -0.57 -6.01 -6.29
CA ALA A 15 -1.82 -5.36 -6.65
C ALA A 15 -1.67 -3.85 -6.50
N ILE A 16 -1.37 -3.44 -5.28
CA ILE A 16 -1.19 -2.03 -4.99
C ILE A 16 -0.19 -1.43 -5.98
N GLN A 17 0.94 -2.09 -6.11
CA GLN A 17 1.98 -1.63 -7.02
C GLN A 17 1.37 -1.15 -8.33
N ASP A 18 0.55 -2.02 -8.92
CA ASP A 18 -0.10 -1.70 -10.18
C ASP A 18 -0.80 -0.34 -10.04
N MET A 19 -1.52 -0.19 -8.95
CA MET A 19 -2.24 1.06 -8.70
C MET A 19 -1.27 2.23 -8.52
N PHE A 20 -0.14 1.92 -7.89
CA PHE A 20 0.87 2.94 -7.65
C PHE A 20 2.25 2.44 -8.09
N PRO A 21 2.46 2.47 -9.43
CA PRO A 21 3.73 2.03 -9.99
C PRO A 21 4.82 3.07 -9.77
N ASN A 22 4.45 4.32 -9.98
CA ASN A 22 5.39 5.42 -9.79
C ASN A 22 6.04 5.32 -8.41
N MET A 23 5.20 5.06 -7.42
CA MET A 23 5.67 4.94 -6.05
C MET A 23 6.79 3.89 -5.96
N ASP A 24 7.25 3.69 -4.73
CA ASP A 24 8.32 2.73 -4.49
C ASP A 24 7.72 1.48 -3.82
N GLN A 25 8.00 0.34 -4.42
CA GLN A 25 7.51 -0.92 -3.89
C GLN A 25 7.85 -1.05 -2.41
N GLU A 26 9.15 -1.01 -2.12
CA GLU A 26 9.62 -1.11 -0.76
C GLU A 26 8.69 -0.35 0.19
N VAL A 27 8.23 0.80 -0.28
CA VAL A 27 7.34 1.63 0.51
C VAL A 27 5.96 0.98 0.57
N ILE A 28 5.43 0.69 -0.62
CA ILE A 28 4.11 0.07 -0.71
C ILE A 28 4.06 -1.16 0.20
N ARG A 29 5.23 -1.78 0.36
CA ARG A 29 5.33 -2.97 1.20
C ARG A 29 5.53 -2.56 2.66
N SER A 30 6.09 -1.37 2.84
CA SER A 30 6.33 -0.86 4.17
C SER A 30 5.02 -0.38 4.81
N VAL A 31 4.01 -0.22 3.96
CA VAL A 31 2.71 0.22 4.42
C VAL A 31 1.84 -1.01 4.71
N LEU A 32 1.81 -1.93 3.76
CA LEU A 32 1.03 -3.14 3.90
C LEU A 32 1.43 -3.84 5.20
N GLU A 33 2.73 -3.88 5.43
CA GLU A 33 3.26 -4.53 6.63
C GLU A 33 2.92 -3.70 7.87
N ALA A 34 2.85 -2.38 7.67
CA ALA A 34 2.54 -1.48 8.77
C ALA A 34 1.02 -1.40 8.93
N GLN A 35 0.32 -2.03 8.00
CA GLN A 35 -1.13 -2.03 8.02
C GLN A 35 -1.66 -3.45 8.27
N ARG A 36 -1.03 -4.12 9.23
CA ARG A 36 -1.41 -5.47 9.58
C ARG A 36 -1.72 -6.27 8.31
N GLY A 37 -1.05 -5.90 7.23
CA GLY A 37 -1.24 -6.57 5.96
C GLY A 37 -2.60 -6.22 5.35
N ASN A 38 -2.90 -4.94 5.36
CA ASN A 38 -4.16 -4.47 4.81
C ASN A 38 -3.90 -3.72 3.50
N LYS A 39 -4.66 -4.09 2.49
CA LYS A 39 -4.52 -3.48 1.17
C LYS A 39 -5.29 -2.16 1.16
N ASP A 40 -6.57 -2.23 1.52
CA ASP A 40 -7.41 -1.05 1.55
C ASP A 40 -6.76 0.01 2.44
N ALA A 41 -6.46 -0.40 3.66
CA ALA A 41 -5.85 0.51 4.62
C ALA A 41 -4.53 1.04 4.03
N ALA A 42 -3.74 0.12 3.49
CA ALA A 42 -2.47 0.48 2.90
C ALA A 42 -2.70 1.49 1.78
N ILE A 43 -3.58 1.11 0.87
CA ILE A 43 -3.89 1.97 -0.27
C ILE A 43 -4.22 3.37 0.23
N ASN A 44 -5.21 3.43 1.11
CA ASN A 44 -5.63 4.70 1.67
C ASN A 44 -4.41 5.41 2.28
N SER A 45 -3.62 4.65 3.01
CA SER A 45 -2.44 5.19 3.64
C SER A 45 -1.49 5.75 2.59
N LEU A 46 -1.36 5.00 1.50
CA LEU A 46 -0.49 5.41 0.40
C LEU A 46 -1.04 6.69 -0.23
N LEU A 47 -2.30 6.60 -0.63
CA LEU A 47 -2.96 7.74 -1.26
C LEU A 47 -2.56 9.02 -0.52
N GLN A 48 -2.80 9.02 0.78
CA GLN A 48 -2.46 10.17 1.60
C GLN A 48 -0.95 10.42 1.58
N MET A 49 -0.21 9.42 2.04
CA MET A 49 1.24 9.52 2.08
C MET A 49 1.78 10.10 0.77
N GLY A 50 2.91 10.76 0.89
CA GLY A 50 3.55 11.36 -0.27
C GLY A 50 2.62 12.38 -0.94
N GLU A 51 3.00 12.77 -2.16
CA GLU A 51 2.21 13.73 -2.91
C GLU A 51 2.41 13.51 -4.41
N GLU A 52 1.31 13.57 -5.14
CA GLU A 52 1.35 13.40 -6.58
C GLU A 52 0.16 14.08 -7.24
N PRO A 53 0.47 15.08 -8.11
CA PRO A 53 -0.57 15.82 -8.81
C PRO A 53 -1.17 14.98 -9.93
N SER A 54 -1.93 13.96 -9.54
CA SER A 54 -2.56 13.08 -10.50
C SER A 54 -2.93 11.76 -9.83
N GLY A 55 -4.21 11.45 -9.87
CA GLY A 55 -4.71 10.22 -9.28
C GLY A 55 -5.48 9.38 -10.31
N PRO A 56 -5.59 8.06 -10.00
CA PRO A 56 -6.30 7.14 -10.88
C PRO A 56 -7.81 7.34 -10.77
N SER A 57 -8.32 7.15 -9.57
CA SER A 57 -9.74 7.31 -9.32
C SER A 57 -10.12 8.79 -9.33
N SER A 58 -11.40 9.04 -9.58
CA SER A 58 -11.89 10.40 -9.62
C SER A 58 -13.38 10.43 -9.23
N GLY A 59 -13.84 11.63 -8.89
CA GLY A 59 -15.23 11.79 -8.50
C GLY A 59 -15.34 12.43 -7.11
N GLY A 1 -14.51 -14.48 10.08
CA GLY A 1 -14.27 -15.89 10.40
C GLY A 1 -13.02 -16.02 11.28
N SER A 2 -12.74 -17.25 11.66
CA SER A 2 -11.59 -17.54 12.50
C SER A 2 -11.13 -18.98 12.29
N SER A 3 -10.00 -19.12 11.60
CA SER A 3 -9.45 -20.44 11.33
C SER A 3 -7.93 -20.34 11.14
N GLY A 4 -7.55 -19.56 10.12
CA GLY A 4 -6.14 -19.38 9.82
C GLY A 4 -5.66 -17.99 10.26
N SER A 5 -4.46 -17.66 9.84
CA SER A 5 -3.87 -16.38 10.19
C SER A 5 -2.85 -15.96 9.13
N SER A 6 -3.04 -14.76 8.61
CA SER A 6 -2.16 -14.23 7.59
C SER A 6 -2.27 -12.70 7.53
N GLY A 7 -1.14 -12.06 7.30
CA GLY A 7 -1.09 -10.61 7.22
C GLY A 7 -0.59 -10.15 5.85
N CYS A 8 0.69 -9.83 5.81
CA CYS A 8 1.31 -9.38 4.57
C CYS A 8 0.94 -10.36 3.46
N SER A 9 1.33 -10.00 2.24
CA SER A 9 1.05 -10.84 1.09
C SER A 9 1.67 -10.24 -0.16
N GLU A 10 1.97 -11.11 -1.12
CA GLU A 10 2.57 -10.68 -2.36
C GLU A 10 1.49 -10.25 -3.36
N GLU A 11 0.33 -10.88 -3.23
CA GLU A 11 -0.78 -10.59 -4.11
C GLU A 11 -1.28 -9.16 -3.86
N ASP A 12 -1.61 -8.90 -2.60
CA ASP A 12 -2.10 -7.59 -2.21
C ASP A 12 -1.09 -6.52 -2.63
N LEU A 13 0.17 -6.79 -2.33
CA LEU A 13 1.24 -5.87 -2.68
C LEU A 13 1.21 -5.60 -4.18
N LYS A 14 1.60 -6.62 -4.94
CA LYS A 14 1.63 -6.50 -6.39
C LYS A 14 0.41 -5.71 -6.86
N ALA A 15 -0.69 -5.87 -6.11
CA ALA A 15 -1.92 -5.17 -6.44
C ALA A 15 -1.69 -3.66 -6.31
N ILE A 16 -1.30 -3.25 -5.12
CA ILE A 16 -1.05 -1.84 -4.85
C ILE A 16 -0.03 -1.30 -5.86
N GLN A 17 1.03 -2.08 -6.05
CA GLN A 17 2.07 -1.70 -6.98
C GLN A 17 1.47 -1.22 -8.30
N ASP A 18 0.57 -2.03 -8.83
CA ASP A 18 -0.09 -1.70 -10.08
C ASP A 18 -0.75 -0.33 -9.96
N MET A 19 -1.40 -0.12 -8.82
CA MET A 19 -2.07 1.14 -8.56
C MET A 19 -1.07 2.28 -8.44
N PHE A 20 0.04 1.98 -7.78
CA PHE A 20 1.09 2.98 -7.60
C PHE A 20 2.46 2.42 -7.98
N PRO A 21 2.70 2.34 -9.32
CA PRO A 21 3.95 1.84 -9.83
C PRO A 21 5.07 2.86 -9.65
N ASN A 22 4.75 4.11 -9.94
CA ASN A 22 5.71 5.19 -9.81
C ASN A 22 6.39 5.10 -8.45
N MET A 23 5.56 4.92 -7.42
CA MET A 23 6.07 4.83 -6.06
C MET A 23 7.12 3.71 -5.95
N ASP A 24 7.62 3.53 -4.74
CA ASP A 24 8.61 2.51 -4.48
C ASP A 24 7.94 1.27 -3.88
N GLN A 25 8.36 0.11 -4.36
CA GLN A 25 7.81 -1.14 -3.88
C GLN A 25 8.06 -1.30 -2.38
N GLU A 26 9.33 -1.26 -2.02
CA GLU A 26 9.72 -1.40 -0.62
C GLU A 26 8.81 -0.54 0.26
N VAL A 27 8.34 0.56 -0.31
CA VAL A 27 7.48 1.47 0.41
C VAL A 27 6.06 0.88 0.46
N ILE A 28 5.55 0.55 -0.72
CA ILE A 28 4.22 0.00 -0.82
C ILE A 28 4.11 -1.22 0.11
N ARG A 29 5.24 -1.86 0.33
CA ARG A 29 5.28 -3.03 1.19
C ARG A 29 5.45 -2.60 2.66
N SER A 30 6.07 -1.45 2.83
CA SER A 30 6.29 -0.91 4.17
C SER A 30 4.98 -0.42 4.76
N VAL A 31 3.99 -0.25 3.89
CA VAL A 31 2.68 0.21 4.31
C VAL A 31 1.79 -0.99 4.59
N LEU A 32 1.69 -1.86 3.60
CA LEU A 32 0.87 -3.06 3.72
C LEU A 32 1.24 -3.79 5.01
N GLU A 33 2.53 -3.85 5.28
CA GLU A 33 3.03 -4.52 6.47
C GLU A 33 2.66 -3.71 7.71
N ALA A 34 2.83 -2.40 7.60
CA ALA A 34 2.53 -1.51 8.71
C ALA A 34 1.00 -1.44 8.90
N GLN A 35 0.29 -1.90 7.88
CA GLN A 35 -1.16 -1.91 7.92
C GLN A 35 -1.68 -3.31 8.20
N ARG A 36 -0.93 -4.04 9.02
CA ARG A 36 -1.31 -5.40 9.37
C ARG A 36 -1.76 -6.17 8.13
N GLY A 37 -1.12 -5.84 7.02
CA GLY A 37 -1.44 -6.49 5.75
C GLY A 37 -2.85 -6.11 5.29
N ASN A 38 -3.18 -4.85 5.49
CA ASN A 38 -4.49 -4.35 5.09
C ASN A 38 -4.35 -3.48 3.84
N LYS A 39 -4.33 -4.15 2.70
CA LYS A 39 -4.20 -3.46 1.42
C LYS A 39 -5.04 -2.18 1.45
N ASP A 40 -6.34 -2.38 1.59
CA ASP A 40 -7.26 -1.26 1.64
C ASP A 40 -6.66 -0.14 2.47
N ALA A 41 -6.30 -0.48 3.70
CA ALA A 41 -5.70 0.49 4.61
C ALA A 41 -4.40 1.02 4.00
N ALA A 42 -3.66 0.11 3.38
CA ALA A 42 -2.40 0.48 2.76
C ALA A 42 -2.65 1.51 1.67
N ILE A 43 -3.59 1.18 0.78
CA ILE A 43 -3.93 2.07 -0.31
C ILE A 43 -4.29 3.45 0.25
N ASN A 44 -5.26 3.46 1.15
CA ASN A 44 -5.70 4.70 1.76
C ASN A 44 -4.49 5.45 2.31
N SER A 45 -3.60 4.69 2.93
CA SER A 45 -2.39 5.28 3.50
C SER A 45 -1.54 5.90 2.40
N LEU A 46 -1.27 5.11 1.37
CA LEU A 46 -0.47 5.57 0.25
C LEU A 46 -1.16 6.79 -0.39
N LEU A 47 -2.43 6.61 -0.69
CA LEU A 47 -3.21 7.67 -1.30
C LEU A 47 -3.00 8.96 -0.51
N GLN A 48 -3.30 8.90 0.78
CA GLN A 48 -3.15 10.05 1.65
C GLN A 48 -1.72 10.60 1.55
N MET A 49 -0.77 9.74 1.91
CA MET A 49 0.63 10.12 1.87
C MET A 49 0.95 10.90 0.59
N GLY A 50 1.91 11.81 0.71
CA GLY A 50 2.32 12.63 -0.42
C GLY A 50 2.41 14.10 -0.03
N GLU A 51 1.27 14.76 -0.08
CA GLU A 51 1.21 16.17 0.26
C GLU A 51 2.06 17.00 -0.72
N GLU A 52 1.48 17.26 -1.88
CA GLU A 52 2.16 18.02 -2.91
C GLU A 52 3.42 17.29 -3.36
N PRO A 53 3.50 17.07 -4.70
CA PRO A 53 4.64 16.38 -5.28
C PRO A 53 5.87 17.28 -5.33
N SER A 54 7.03 16.66 -5.49
CA SER A 54 8.28 17.40 -5.55
C SER A 54 8.41 18.31 -4.32
N GLY A 55 9.24 17.85 -3.39
CA GLY A 55 9.46 18.60 -2.16
C GLY A 55 10.40 17.84 -1.22
N PRO A 56 9.77 17.01 -0.35
CA PRO A 56 10.54 16.23 0.61
C PRO A 56 11.23 15.05 -0.08
N SER A 57 12.37 15.34 -0.69
CA SER A 57 13.13 14.32 -1.39
C SER A 57 14.44 14.06 -0.65
N SER A 58 14.73 12.78 -0.45
CA SER A 58 15.95 12.38 0.24
C SER A 58 17.09 12.23 -0.78
N GLY A 59 16.85 11.37 -1.75
CA GLY A 59 17.85 11.11 -2.78
C GLY A 59 17.40 9.97 -3.70
N GLY A 1 -16.88 -13.21 -1.77
CA GLY A 1 -16.10 -14.40 -1.48
C GLY A 1 -14.63 -14.19 -1.85
N SER A 2 -13.87 -15.28 -1.79
CA SER A 2 -12.45 -15.23 -2.11
C SER A 2 -11.77 -14.11 -1.33
N SER A 3 -11.25 -14.49 -0.17
CA SER A 3 -10.57 -13.53 0.70
C SER A 3 -9.67 -14.27 1.69
N GLY A 4 -8.51 -13.67 1.94
CA GLY A 4 -7.55 -14.26 2.87
C GLY A 4 -6.53 -13.23 3.33
N SER A 5 -6.72 -12.76 4.56
CA SER A 5 -5.82 -11.77 5.13
C SER A 5 -4.93 -12.43 6.20
N SER A 6 -3.64 -12.26 6.02
CA SER A 6 -2.67 -12.82 6.95
C SER A 6 -1.25 -12.42 6.54
N GLY A 7 -0.69 -11.49 7.29
CA GLY A 7 0.66 -11.02 7.02
C GLY A 7 0.78 -10.49 5.59
N CYS A 8 1.95 -9.96 5.28
CA CYS A 8 2.20 -9.41 3.96
C CYS A 8 1.78 -10.45 2.92
N SER A 9 1.87 -10.06 1.66
CA SER A 9 1.50 -10.95 0.56
C SER A 9 2.07 -10.41 -0.75
N GLU A 10 2.22 -11.32 -1.70
CA GLU A 10 2.75 -10.96 -3.01
C GLU A 10 1.60 -10.61 -3.96
N GLU A 11 0.45 -11.20 -3.70
CA GLU A 11 -0.72 -10.94 -4.52
C GLU A 11 -1.26 -9.54 -4.25
N ASP A 12 -1.46 -9.24 -2.98
CA ASP A 12 -1.97 -7.95 -2.59
C ASP A 12 -1.02 -6.86 -3.06
N LEU A 13 0.26 -7.08 -2.78
CA LEU A 13 1.28 -6.12 -3.17
C LEU A 13 1.05 -5.69 -4.62
N LYS A 14 1.30 -6.62 -5.53
CA LYS A 14 1.11 -6.35 -6.95
C LYS A 14 -0.13 -5.50 -7.15
N ALA A 15 -1.19 -5.89 -6.45
CA ALA A 15 -2.46 -5.17 -6.54
C ALA A 15 -2.20 -3.68 -6.32
N ILE A 16 -1.52 -3.39 -5.22
CA ILE A 16 -1.20 -2.01 -4.88
C ILE A 16 -0.18 -1.46 -5.89
N GLN A 17 0.92 -2.18 -6.01
CA GLN A 17 1.98 -1.78 -6.92
C GLN A 17 1.38 -1.33 -8.26
N ASP A 18 0.55 -2.19 -8.82
CA ASP A 18 -0.09 -1.89 -10.09
C ASP A 18 -0.78 -0.54 -10.00
N MET A 19 -1.55 -0.37 -8.92
CA MET A 19 -2.26 0.87 -8.71
C MET A 19 -1.30 2.05 -8.57
N PHE A 20 -0.26 1.83 -7.78
CA PHE A 20 0.73 2.87 -7.55
C PHE A 20 2.14 2.36 -7.89
N PRO A 21 2.41 2.28 -9.23
CA PRO A 21 3.70 1.81 -9.71
C PRO A 21 4.77 2.90 -9.51
N ASN A 22 4.34 4.14 -9.60
CA ASN A 22 5.24 5.26 -9.44
C ASN A 22 5.90 5.18 -8.07
N MET A 23 5.08 4.85 -7.08
CA MET A 23 5.58 4.74 -5.71
C MET A 23 6.68 3.69 -5.61
N ASP A 24 7.35 3.69 -4.45
CA ASP A 24 8.42 2.75 -4.22
C ASP A 24 7.85 1.47 -3.61
N GLN A 25 8.36 0.34 -4.09
CA GLN A 25 7.91 -0.96 -3.60
C GLN A 25 8.20 -1.08 -2.11
N GLU A 26 9.47 -1.00 -1.77
CA GLU A 26 9.89 -1.10 -0.38
C GLU A 26 8.96 -0.30 0.52
N VAL A 27 8.44 0.79 -0.04
CA VAL A 27 7.53 1.65 0.70
C VAL A 27 6.17 0.96 0.82
N ILE A 28 5.59 0.64 -0.33
CA ILE A 28 4.30 -0.02 -0.36
C ILE A 28 4.25 -1.10 0.72
N ARG A 29 5.28 -1.94 0.72
CA ARG A 29 5.37 -3.01 1.68
C ARG A 29 5.36 -2.45 3.11
N SER A 30 6.17 -1.43 3.31
CA SER A 30 6.26 -0.78 4.61
C SER A 30 4.88 -0.30 5.06
N VAL A 31 4.02 -0.10 4.08
CA VAL A 31 2.66 0.37 4.36
C VAL A 31 1.78 -0.84 4.68
N LEU A 32 1.80 -1.81 3.78
CA LEU A 32 1.00 -3.01 3.97
C LEU A 32 1.41 -3.69 5.27
N GLU A 33 2.71 -3.65 5.53
CA GLU A 33 3.24 -4.27 6.75
C GLU A 33 2.87 -3.44 7.98
N ALA A 34 2.98 -2.13 7.81
CA ALA A 34 2.65 -1.22 8.90
C ALA A 34 1.13 -1.16 9.08
N GLN A 35 0.44 -1.68 8.08
CA GLN A 35 -1.02 -1.70 8.12
C GLN A 35 -1.52 -3.11 8.44
N ARG A 36 -0.81 -3.77 9.34
CA ARG A 36 -1.17 -5.11 9.74
C ARG A 36 -1.63 -5.92 8.53
N GLY A 37 -0.94 -5.71 7.42
CA GLY A 37 -1.27 -6.42 6.19
C GLY A 37 -2.67 -6.07 5.71
N ASN A 38 -2.94 -4.77 5.64
CA ASN A 38 -4.24 -4.29 5.21
C ASN A 38 -4.08 -3.48 3.93
N LYS A 39 -4.33 -4.14 2.81
CA LYS A 39 -4.22 -3.49 1.51
C LYS A 39 -4.99 -2.17 1.54
N ASP A 40 -6.28 -2.29 1.82
CA ASP A 40 -7.14 -1.11 1.87
C ASP A 40 -6.46 -0.03 2.71
N ALA A 41 -6.27 -0.34 3.98
CA ALA A 41 -5.64 0.60 4.90
C ALA A 41 -4.35 1.13 4.27
N ALA A 42 -3.66 0.23 3.58
CA ALA A 42 -2.42 0.59 2.91
C ALA A 42 -2.70 1.61 1.81
N ILE A 43 -3.65 1.25 0.96
CA ILE A 43 -4.03 2.12 -0.15
C ILE A 43 -4.34 3.52 0.38
N ASN A 44 -5.24 3.56 1.37
CA ASN A 44 -5.62 4.82 1.97
C ASN A 44 -4.37 5.59 2.39
N SER A 45 -3.44 4.87 3.00
CA SER A 45 -2.20 5.47 3.44
C SER A 45 -1.43 6.04 2.25
N LEU A 46 -1.18 5.17 1.28
CA LEU A 46 -0.47 5.57 0.09
C LEU A 46 -1.20 6.73 -0.58
N LEU A 47 -2.48 6.52 -0.84
CA LEU A 47 -3.30 7.54 -1.47
C LEU A 47 -2.95 8.91 -0.88
N GLN A 48 -3.17 9.03 0.42
CA GLN A 48 -2.87 10.27 1.12
C GLN A 48 -1.41 10.65 0.93
N MET A 49 -0.53 9.74 1.32
CA MET A 49 0.89 9.96 1.19
C MET A 49 1.25 10.52 -0.19
N GLY A 50 2.08 11.56 -0.17
CA GLY A 50 2.50 12.18 -1.41
C GLY A 50 1.66 13.43 -1.71
N GLU A 51 1.98 14.07 -2.82
CA GLU A 51 1.27 15.27 -3.22
C GLU A 51 0.15 14.91 -4.21
N GLU A 52 -0.94 14.41 -3.66
CA GLU A 52 -2.08 14.02 -4.47
C GLU A 52 -2.41 15.12 -5.48
N PRO A 53 -3.01 14.70 -6.63
CA PRO A 53 -3.38 15.63 -7.67
C PRO A 53 -4.62 16.43 -7.28
N SER A 54 -4.51 17.13 -6.15
CA SER A 54 -5.61 17.93 -5.66
C SER A 54 -6.88 17.08 -5.57
N GLY A 55 -7.09 16.53 -4.38
CA GLY A 55 -8.25 15.69 -4.13
C GLY A 55 -7.97 14.23 -4.50
N PRO A 56 -9.03 13.55 -5.00
CA PRO A 56 -8.91 12.15 -5.38
C PRO A 56 -8.15 12.02 -6.71
N SER A 57 -7.96 10.78 -7.12
CA SER A 57 -7.26 10.50 -8.36
C SER A 57 -7.92 9.32 -9.08
N SER A 58 -8.00 8.20 -8.38
CA SER A 58 -8.61 7.00 -8.94
C SER A 58 -9.90 7.37 -9.69
N GLY A 59 -9.80 7.34 -11.01
CA GLY A 59 -10.94 7.66 -11.85
C GLY A 59 -11.91 6.49 -11.94
N GLY A 1 -14.18 -16.42 2.71
CA GLY A 1 -14.27 -15.97 4.08
C GLY A 1 -12.98 -16.25 4.85
N SER A 2 -12.73 -15.43 5.86
CA SER A 2 -11.55 -15.58 6.68
C SER A 2 -10.30 -15.63 5.78
N SER A 3 -9.74 -14.45 5.54
CA SER A 3 -8.56 -14.34 4.71
C SER A 3 -7.58 -15.47 5.04
N GLY A 4 -7.20 -16.19 3.99
CA GLY A 4 -6.27 -17.30 4.16
C GLY A 4 -4.83 -16.86 3.90
N SER A 5 -4.37 -15.94 4.73
CA SER A 5 -3.02 -15.43 4.60
C SER A 5 -2.51 -14.96 5.97
N SER A 6 -1.54 -15.69 6.50
CA SER A 6 -0.96 -15.36 7.78
C SER A 6 0.04 -14.21 7.63
N GLY A 7 -0.50 -12.99 7.64
CA GLY A 7 0.32 -11.80 7.52
C GLY A 7 -0.02 -11.05 6.22
N CYS A 8 1.01 -10.87 5.41
CA CYS A 8 0.84 -10.16 4.14
C CYS A 8 0.91 -11.19 3.01
N SER A 9 0.97 -10.68 1.79
CA SER A 9 1.04 -11.53 0.62
C SER A 9 1.65 -10.77 -0.56
N GLU A 10 2.23 -11.52 -1.48
CA GLU A 10 2.84 -10.92 -2.65
C GLU A 10 1.78 -10.54 -3.67
N GLU A 11 0.65 -11.25 -3.61
CA GLU A 11 -0.44 -10.99 -4.52
C GLU A 11 -1.01 -9.60 -4.29
N ASP A 12 -1.41 -9.35 -3.05
CA ASP A 12 -1.97 -8.06 -2.68
C ASP A 12 -0.99 -6.95 -3.07
N LEU A 13 0.27 -7.15 -2.69
CA LEU A 13 1.31 -6.18 -2.99
C LEU A 13 1.14 -5.71 -4.44
N LYS A 14 1.46 -6.61 -5.37
CA LYS A 14 1.34 -6.29 -6.79
C LYS A 14 0.08 -5.45 -7.01
N ALA A 15 -1.00 -5.89 -6.42
CA ALA A 15 -2.27 -5.19 -6.56
C ALA A 15 -2.06 -3.70 -6.28
N ILE A 16 -1.41 -3.42 -5.16
CA ILE A 16 -1.14 -2.04 -4.78
C ILE A 16 -0.23 -1.40 -5.83
N GLN A 17 0.88 -2.08 -6.11
CA GLN A 17 1.83 -1.57 -7.08
C GLN A 17 1.10 -1.03 -8.31
N ASP A 18 0.26 -1.89 -8.88
CA ASP A 18 -0.50 -1.52 -10.06
C ASP A 18 -1.18 -0.16 -9.82
N MET A 19 -1.74 -0.01 -8.63
CA MET A 19 -2.41 1.21 -8.26
C MET A 19 -1.40 2.35 -8.06
N PHE A 20 -0.29 2.00 -7.45
CA PHE A 20 0.76 2.98 -7.19
C PHE A 20 2.12 2.47 -7.68
N PRO A 21 2.30 2.55 -9.03
CA PRO A 21 3.54 2.10 -9.64
C PRO A 21 4.67 3.10 -9.39
N ASN A 22 4.32 4.38 -9.49
CA ASN A 22 5.29 5.44 -9.28
C ASN A 22 5.96 5.24 -7.92
N MET A 23 5.13 4.93 -6.93
CA MET A 23 5.63 4.72 -5.58
C MET A 23 6.73 3.66 -5.56
N ASP A 24 7.38 3.54 -4.41
CA ASP A 24 8.45 2.57 -4.25
C ASP A 24 7.89 1.30 -3.61
N GLN A 25 8.37 0.18 -4.13
CA GLN A 25 7.92 -1.12 -3.63
C GLN A 25 8.19 -1.23 -2.12
N GLU A 26 9.46 -1.08 -1.77
CA GLU A 26 9.85 -1.16 -0.38
C GLU A 26 8.88 -0.36 0.50
N VAL A 27 8.42 0.75 -0.05
CA VAL A 27 7.48 1.61 0.67
C VAL A 27 6.12 0.91 0.76
N ILE A 28 5.59 0.57 -0.40
CA ILE A 28 4.30 -0.09 -0.46
C ILE A 28 4.23 -1.16 0.64
N ARG A 29 5.25 -2.00 0.66
CA ARG A 29 5.32 -3.06 1.66
C ARG A 29 5.39 -2.47 3.07
N SER A 30 6.18 -1.42 3.19
CA SER A 30 6.34 -0.75 4.47
C SER A 30 5.00 -0.20 4.95
N VAL A 31 4.06 -0.13 4.02
CA VAL A 31 2.74 0.37 4.34
C VAL A 31 1.83 -0.79 4.73
N LEU A 32 1.74 -1.76 3.83
CA LEU A 32 0.91 -2.93 4.09
C LEU A 32 1.33 -3.58 5.40
N GLU A 33 2.63 -3.55 5.65
CA GLU A 33 3.18 -4.13 6.87
C GLU A 33 2.79 -3.28 8.08
N ALA A 34 2.90 -1.97 7.91
CA ALA A 34 2.56 -1.05 8.97
C ALA A 34 1.04 -0.93 9.08
N GLN A 35 0.36 -1.53 8.10
CA GLN A 35 -1.09 -1.50 8.08
C GLN A 35 -1.65 -2.89 8.41
N ARG A 36 -1.07 -3.50 9.42
CA ARG A 36 -1.49 -4.83 9.84
C ARG A 36 -1.85 -5.69 8.62
N GLY A 37 -1.16 -5.41 7.52
CA GLY A 37 -1.38 -6.14 6.29
C GLY A 37 -2.80 -5.91 5.77
N ASN A 38 -3.17 -4.64 5.70
CA ASN A 38 -4.49 -4.27 5.21
C ASN A 38 -4.35 -3.45 3.93
N LYS A 39 -4.40 -4.15 2.81
CA LYS A 39 -4.29 -3.51 1.51
C LYS A 39 -5.09 -2.20 1.52
N ASP A 40 -6.38 -2.34 1.83
CA ASP A 40 -7.26 -1.19 1.88
C ASP A 40 -6.59 -0.06 2.67
N ALA A 41 -6.38 -0.33 3.94
CA ALA A 41 -5.74 0.65 4.82
C ALA A 41 -4.48 1.18 4.15
N ALA A 42 -3.75 0.28 3.52
CA ALA A 42 -2.52 0.65 2.83
C ALA A 42 -2.85 1.63 1.71
N ILE A 43 -3.73 1.18 0.81
CA ILE A 43 -4.13 2.01 -0.31
C ILE A 43 -4.39 3.43 0.18
N ASN A 44 -5.27 3.54 1.16
CA ASN A 44 -5.63 4.83 1.72
C ASN A 44 -4.35 5.55 2.17
N SER A 45 -3.50 4.80 2.85
CA SER A 45 -2.24 5.35 3.34
C SER A 45 -1.41 5.87 2.17
N LEU A 46 -1.23 5.01 1.18
CA LEU A 46 -0.45 5.37 0.01
C LEU A 46 -1.08 6.60 -0.66
N LEU A 47 -2.38 6.50 -0.90
CA LEU A 47 -3.12 7.59 -1.53
C LEU A 47 -2.71 8.91 -0.87
N GLN A 48 -2.94 9.00 0.43
CA GLN A 48 -2.61 10.19 1.18
C GLN A 48 -1.14 10.58 0.94
N MET A 49 -0.26 9.64 1.25
CA MET A 49 1.17 9.86 1.08
C MET A 49 1.45 10.64 -0.21
N GLY A 50 2.36 11.58 -0.11
CA GLY A 50 2.73 12.39 -1.26
C GLY A 50 1.62 13.37 -1.62
N GLU A 51 1.91 14.65 -1.43
CA GLU A 51 0.95 15.69 -1.72
C GLU A 51 -0.39 15.38 -1.06
N GLU A 52 -0.55 15.90 0.15
CA GLU A 52 -1.78 15.68 0.89
C GLU A 52 -2.92 16.49 0.28
N PRO A 53 -4.09 15.82 0.13
CA PRO A 53 -5.26 16.46 -0.44
C PRO A 53 -5.91 17.40 0.57
N SER A 54 -5.95 18.68 0.21
CA SER A 54 -6.55 19.69 1.07
C SER A 54 -8.04 19.84 0.75
N GLY A 55 -8.73 20.49 1.67
CA GLY A 55 -10.16 20.71 1.50
C GLY A 55 -10.42 21.92 0.59
N PRO A 56 -11.71 22.02 0.14
CA PRO A 56 -12.11 23.11 -0.73
C PRO A 56 -12.24 24.42 0.05
N SER A 57 -12.93 24.33 1.18
CA SER A 57 -13.13 25.49 2.03
C SER A 57 -11.81 26.25 2.21
N SER A 58 -11.78 27.45 1.66
CA SER A 58 -10.60 28.29 1.76
C SER A 58 -10.55 28.98 3.11
N GLY A 59 -9.43 28.81 3.80
CA GLY A 59 -9.26 29.41 5.11
C GLY A 59 -8.10 30.42 5.10
N GLY A 1 4.53 -10.67 21.34
CA GLY A 1 3.46 -11.63 21.49
C GLY A 1 3.09 -12.26 20.16
N SER A 2 1.80 -12.19 19.83
CA SER A 2 1.31 -12.75 18.59
C SER A 2 1.48 -14.27 18.60
N SER A 3 0.81 -14.92 17.65
CA SER A 3 0.87 -16.37 17.55
C SER A 3 1.71 -16.77 16.34
N GLY A 4 1.36 -16.21 15.19
CA GLY A 4 2.08 -16.50 13.97
C GLY A 4 1.16 -17.20 12.95
N SER A 5 0.54 -16.38 12.11
CA SER A 5 -0.35 -16.90 11.08
C SER A 5 -0.85 -15.76 10.20
N SER A 6 -0.66 -15.94 8.90
CA SER A 6 -1.08 -14.94 7.93
C SER A 6 -0.29 -13.65 8.14
N GLY A 7 -0.39 -12.77 7.15
CA GLY A 7 0.31 -11.49 7.22
C GLY A 7 0.16 -10.72 5.91
N CYS A 8 1.24 -10.68 5.16
CA CYS A 8 1.25 -9.98 3.88
C CYS A 8 1.21 -11.02 2.76
N SER A 9 1.46 -10.55 1.55
CA SER A 9 1.44 -11.43 0.39
C SER A 9 1.94 -10.67 -0.84
N GLU A 10 2.46 -11.43 -1.80
CA GLU A 10 2.97 -10.85 -3.03
C GLU A 10 1.81 -10.49 -3.97
N GLU A 11 0.71 -11.20 -3.80
CA GLU A 11 -0.46 -10.97 -4.62
C GLU A 11 -1.05 -9.59 -4.33
N ASP A 12 -1.39 -9.38 -3.06
CA ASP A 12 -1.96 -8.11 -2.64
C ASP A 12 -1.03 -6.97 -3.07
N LEU A 13 0.25 -7.14 -2.75
CA LEU A 13 1.23 -6.13 -3.09
C LEU A 13 1.02 -5.67 -4.54
N LYS A 14 1.33 -6.57 -5.46
CA LYS A 14 1.18 -6.27 -6.88
C LYS A 14 -0.11 -5.47 -7.08
N ALA A 15 -1.18 -5.95 -6.46
CA ALA A 15 -2.47 -5.29 -6.57
C ALA A 15 -2.28 -3.78 -6.37
N ILE A 16 -1.71 -3.44 -5.22
CA ILE A 16 -1.48 -2.04 -4.90
C ILE A 16 -0.43 -1.48 -5.85
N GLN A 17 0.68 -2.20 -5.96
CA GLN A 17 1.77 -1.78 -6.83
C GLN A 17 1.21 -1.22 -8.14
N ASP A 18 0.33 -2.00 -8.75
CA ASP A 18 -0.28 -1.60 -10.01
C ASP A 18 -0.91 -0.22 -9.85
N MET A 19 -1.66 -0.08 -8.76
CA MET A 19 -2.33 1.18 -8.47
C MET A 19 -1.32 2.31 -8.28
N PHE A 20 -0.19 1.96 -7.69
CA PHE A 20 0.87 2.92 -7.45
C PHE A 20 2.23 2.38 -7.91
N PRO A 21 2.44 2.42 -9.25
CA PRO A 21 3.68 1.94 -9.83
C PRO A 21 4.82 2.94 -9.59
N ASN A 22 4.47 4.21 -9.72
CA ASN A 22 5.45 5.27 -9.52
C ASN A 22 6.11 5.10 -8.15
N MET A 23 5.29 4.77 -7.17
CA MET A 23 5.77 4.57 -5.81
C MET A 23 6.85 3.48 -5.77
N ASP A 24 7.50 3.39 -4.62
CA ASP A 24 8.55 2.40 -4.43
C ASP A 24 7.99 1.21 -3.64
N GLN A 25 8.34 0.03 -4.11
CA GLN A 25 7.88 -1.19 -3.45
C GLN A 25 8.21 -1.14 -1.96
N GLU A 26 9.47 -0.88 -1.67
CA GLU A 26 9.93 -0.81 -0.29
C GLU A 26 8.92 -0.05 0.56
N VAL A 27 8.37 1.01 -0.03
CA VAL A 27 7.40 1.84 0.67
C VAL A 27 6.09 1.05 0.81
N ILE A 28 5.56 0.64 -0.33
CA ILE A 28 4.31 -0.12 -0.33
C ILE A 28 4.36 -1.18 0.77
N ARG A 29 5.40 -2.00 0.71
CA ARG A 29 5.57 -3.06 1.70
C ARG A 29 5.66 -2.46 3.11
N SER A 30 6.25 -1.28 3.18
CA SER A 30 6.39 -0.59 4.46
C SER A 30 5.01 -0.19 4.99
N VAL A 31 4.06 -0.10 4.08
CA VAL A 31 2.71 0.28 4.44
C VAL A 31 1.93 -0.97 4.87
N LEU A 32 2.01 -1.99 4.03
CA LEU A 32 1.32 -3.24 4.31
C LEU A 32 1.66 -3.69 5.73
N GLU A 33 2.95 -3.89 5.96
CA GLU A 33 3.42 -4.32 7.28
C GLU A 33 3.00 -3.32 8.35
N ALA A 34 2.92 -2.06 7.94
CA ALA A 34 2.54 -1.01 8.86
C ALA A 34 1.01 -0.98 8.99
N GLN A 35 0.36 -1.73 8.11
CA GLN A 35 -1.09 -1.81 8.12
C GLN A 35 -1.54 -3.24 8.44
N ARG A 36 -0.85 -3.83 9.40
CA ARG A 36 -1.17 -5.18 9.82
C ARG A 36 -1.51 -6.04 8.61
N GLY A 37 -0.87 -5.72 7.50
CA GLY A 37 -1.09 -6.46 6.26
C GLY A 37 -2.47 -6.14 5.68
N ASN A 38 -2.79 -4.85 5.62
CA ASN A 38 -4.06 -4.41 5.10
C ASN A 38 -3.85 -3.78 3.72
N LYS A 39 -4.79 -4.05 2.82
CA LYS A 39 -4.71 -3.51 1.47
C LYS A 39 -5.42 -2.16 1.44
N ASP A 40 -6.65 -2.15 1.91
CA ASP A 40 -7.45 -0.94 1.94
C ASP A 40 -6.69 0.14 2.73
N ALA A 41 -6.41 -0.16 3.98
CA ALA A 41 -5.70 0.76 4.84
C ALA A 41 -4.39 1.17 4.16
N ALA A 42 -3.74 0.20 3.54
CA ALA A 42 -2.49 0.43 2.86
C ALA A 42 -2.72 1.44 1.72
N ILE A 43 -3.72 1.14 0.91
CA ILE A 43 -4.06 2.00 -0.21
C ILE A 43 -4.29 3.43 0.29
N ASN A 44 -5.30 3.56 1.14
CA ASN A 44 -5.64 4.87 1.70
C ASN A 44 -4.37 5.56 2.18
N SER A 45 -3.49 4.76 2.78
CA SER A 45 -2.23 5.29 3.28
C SER A 45 -1.39 5.83 2.13
N LEU A 46 -1.19 4.98 1.13
CA LEU A 46 -0.40 5.35 -0.03
C LEU A 46 -1.05 6.57 -0.70
N LEU A 47 -2.34 6.45 -0.95
CA LEU A 47 -3.08 7.53 -1.58
C LEU A 47 -2.65 8.86 -0.97
N GLN A 48 -2.91 8.99 0.33
CA GLN A 48 -2.57 10.21 1.04
C GLN A 48 -1.06 10.49 0.90
N MET A 49 -0.27 9.54 1.36
CA MET A 49 1.17 9.67 1.30
C MET A 49 1.61 10.27 -0.04
N GLY A 50 2.69 11.04 0.02
CA GLY A 50 3.21 11.68 -1.19
C GLY A 50 3.33 10.67 -2.33
N GLU A 51 2.68 11.00 -3.44
CA GLU A 51 2.69 10.13 -4.60
C GLU A 51 2.24 10.90 -5.84
N GLU A 52 2.90 10.61 -6.95
CA GLU A 52 2.56 11.27 -8.21
C GLU A 52 1.65 10.38 -9.05
N PRO A 53 0.39 10.87 -9.24
CA PRO A 53 -0.59 10.14 -10.01
C PRO A 53 -0.29 10.23 -11.51
N SER A 54 -0.68 9.18 -12.23
CA SER A 54 -0.45 9.14 -13.66
C SER A 54 -1.73 9.56 -14.41
N GLY A 55 -1.57 9.76 -15.71
CA GLY A 55 -2.70 10.17 -16.54
C GLY A 55 -2.93 9.17 -17.67
N PRO A 56 -3.91 8.26 -17.45
CA PRO A 56 -4.23 7.25 -18.45
C PRO A 56 -5.02 7.87 -19.61
N SER A 57 -4.76 7.33 -20.80
CA SER A 57 -5.43 7.81 -22.00
C SER A 57 -6.35 6.73 -22.55
N SER A 58 -7.40 7.18 -23.21
CA SER A 58 -8.37 6.26 -23.80
C SER A 58 -8.99 6.88 -25.05
N GLY A 59 -9.19 6.04 -26.05
CA GLY A 59 -9.77 6.48 -27.30
C GLY A 59 -9.18 7.83 -27.73
N GLY A 1 0.18 -18.68 3.52
CA GLY A 1 1.29 -18.25 2.70
C GLY A 1 2.60 -18.88 3.15
N SER A 2 3.07 -18.43 4.31
CA SER A 2 4.31 -18.95 4.87
C SER A 2 4.08 -19.38 6.32
N SER A 3 3.66 -18.43 7.13
CA SER A 3 3.41 -18.71 8.54
C SER A 3 2.17 -19.58 8.68
N GLY A 4 1.04 -19.05 8.23
CA GLY A 4 -0.22 -19.77 8.30
C GLY A 4 -1.38 -18.89 7.85
N SER A 5 -1.28 -18.41 6.61
CA SER A 5 -2.31 -17.56 6.05
C SER A 5 -2.18 -16.14 6.60
N SER A 6 -2.23 -16.04 7.93
CA SER A 6 -2.12 -14.76 8.59
C SER A 6 -0.80 -14.09 8.21
N GLY A 7 -0.89 -12.79 7.94
CA GLY A 7 0.29 -12.03 7.57
C GLY A 7 0.05 -11.26 6.26
N CYS A 8 1.15 -10.76 5.71
CA CYS A 8 1.08 -10.01 4.46
C CYS A 8 0.90 -11.00 3.31
N SER A 9 0.95 -10.47 2.10
CA SER A 9 0.80 -11.29 0.92
C SER A 9 1.35 -10.55 -0.31
N GLU A 10 1.91 -11.34 -1.21
CA GLU A 10 2.49 -10.78 -2.43
C GLU A 10 1.38 -10.38 -3.41
N GLU A 11 0.23 -11.01 -3.23
CA GLU A 11 -0.91 -10.75 -4.09
C GLU A 11 -1.43 -9.32 -3.85
N ASP A 12 -1.59 -9.00 -2.57
CA ASP A 12 -2.08 -7.68 -2.20
C ASP A 12 -1.08 -6.62 -2.67
N LEU A 13 0.19 -6.94 -2.53
CA LEU A 13 1.25 -6.04 -2.94
C LEU A 13 1.06 -5.67 -4.41
N LYS A 14 1.31 -6.65 -5.27
CA LYS A 14 1.18 -6.44 -6.70
C LYS A 14 -0.05 -5.58 -6.97
N ALA A 15 -1.11 -5.88 -6.24
CA ALA A 15 -2.35 -5.13 -6.39
C ALA A 15 -2.08 -3.64 -6.25
N ILE A 16 -1.50 -3.29 -5.11
CA ILE A 16 -1.17 -1.90 -4.83
C ILE A 16 -0.20 -1.39 -5.90
N GLN A 17 0.88 -2.14 -6.08
CA GLN A 17 1.89 -1.77 -7.05
C GLN A 17 1.23 -1.30 -8.35
N ASP A 18 0.33 -2.14 -8.86
CA ASP A 18 -0.37 -1.83 -10.08
C ASP A 18 -1.00 -0.44 -9.96
N MET A 19 -1.63 -0.20 -8.83
CA MET A 19 -2.27 1.07 -8.58
C MET A 19 -1.24 2.20 -8.46
N PHE A 20 -0.12 1.86 -7.84
CA PHE A 20 0.95 2.82 -7.65
C PHE A 20 2.29 2.26 -8.15
N PRO A 21 2.42 2.24 -9.50
CA PRO A 21 3.64 1.73 -10.12
C PRO A 21 4.79 2.75 -9.98
N ASN A 22 4.41 4.02 -9.94
CA ASN A 22 5.39 5.08 -9.81
C ASN A 22 6.01 5.03 -8.41
N MET A 23 5.18 4.71 -7.43
CA MET A 23 5.62 4.62 -6.06
C MET A 23 6.75 3.60 -5.91
N ASP A 24 7.32 3.57 -4.72
CA ASP A 24 8.42 2.64 -4.44
C ASP A 24 7.87 1.41 -3.72
N GLN A 25 8.26 0.25 -4.22
CA GLN A 25 7.82 -1.00 -3.64
C GLN A 25 8.19 -1.07 -2.15
N GLU A 26 9.44 -0.76 -1.87
CA GLU A 26 9.94 -0.77 -0.50
C GLU A 26 8.99 0.02 0.41
N VAL A 27 8.34 1.02 -0.18
CA VAL A 27 7.40 1.85 0.56
C VAL A 27 6.08 1.10 0.71
N ILE A 28 5.54 0.68 -0.43
CA ILE A 28 4.28 -0.04 -0.44
C ILE A 28 4.29 -1.09 0.67
N ARG A 29 5.36 -1.86 0.70
CA ARG A 29 5.51 -2.90 1.70
C ARG A 29 5.48 -2.31 3.11
N SER A 30 6.28 -1.26 3.28
CA SER A 30 6.36 -0.58 4.57
C SER A 30 4.95 -0.24 5.07
N VAL A 31 4.03 -0.10 4.11
CA VAL A 31 2.66 0.22 4.44
C VAL A 31 1.87 -1.07 4.65
N LEU A 32 1.98 -1.97 3.68
CA LEU A 32 1.28 -3.24 3.74
C LEU A 32 1.70 -3.96 5.03
N GLU A 33 2.98 -3.87 5.34
CA GLU A 33 3.50 -4.51 6.53
C GLU A 33 3.08 -3.75 7.78
N ALA A 34 2.93 -2.44 7.61
CA ALA A 34 2.53 -1.59 8.72
C ALA A 34 1.00 -1.59 8.83
N GLN A 35 0.37 -2.18 7.83
CA GLN A 35 -1.08 -2.26 7.80
C GLN A 35 -1.54 -3.70 7.99
N ARG A 36 -0.91 -4.36 8.96
CA ARG A 36 -1.25 -5.74 9.26
C ARG A 36 -1.49 -6.52 7.96
N GLY A 37 -0.77 -6.12 6.93
CA GLY A 37 -0.89 -6.77 5.64
C GLY A 37 -2.25 -6.48 5.01
N ASN A 38 -2.62 -5.21 5.01
CA ASN A 38 -3.89 -4.79 4.44
C ASN A 38 -3.64 -4.13 3.09
N LYS A 39 -4.62 -4.29 2.20
CA LYS A 39 -4.53 -3.71 0.87
C LYS A 39 -5.19 -2.34 0.87
N ASP A 40 -6.45 -2.31 1.27
CA ASP A 40 -7.20 -1.08 1.31
C ASP A 40 -6.50 -0.09 2.25
N ALA A 41 -6.25 -0.56 3.46
CA ALA A 41 -5.58 0.27 4.46
C ALA A 41 -4.27 0.80 3.88
N ALA A 42 -3.53 -0.10 3.26
CA ALA A 42 -2.25 0.27 2.67
C ALA A 42 -2.48 1.34 1.60
N ILE A 43 -3.50 1.11 0.78
CA ILE A 43 -3.83 2.06 -0.27
C ILE A 43 -4.18 3.41 0.35
N ASN A 44 -5.21 3.39 1.17
CA ASN A 44 -5.66 4.62 1.83
C ASN A 44 -4.43 5.42 2.29
N SER A 45 -3.48 4.72 2.87
CA SER A 45 -2.26 5.34 3.35
C SER A 45 -1.49 5.95 2.17
N LEU A 46 -1.02 5.07 1.30
CA LEU A 46 -0.27 5.48 0.13
C LEU A 46 -1.03 6.62 -0.57
N LEU A 47 -2.35 6.54 -0.49
CA LEU A 47 -3.19 7.55 -1.12
C LEU A 47 -2.87 8.92 -0.52
N GLN A 48 -2.96 8.99 0.80
CA GLN A 48 -2.68 10.23 1.50
C GLN A 48 -1.22 10.62 1.32
N MET A 49 -0.34 9.81 1.87
CA MET A 49 1.09 10.06 1.77
C MET A 49 1.46 10.58 0.39
N GLY A 50 2.57 11.29 0.33
CA GLY A 50 3.05 11.85 -0.92
C GLY A 50 2.29 13.13 -1.28
N GLU A 51 1.99 13.26 -2.56
CA GLU A 51 1.27 14.42 -3.05
C GLU A 51 0.15 13.99 -4.00
N GLU A 52 -1.07 14.39 -3.66
CA GLU A 52 -2.22 14.06 -4.48
C GLU A 52 -2.48 15.15 -5.51
N PRO A 53 -3.15 14.76 -6.63
CA PRO A 53 -3.48 15.70 -7.69
C PRO A 53 -4.63 16.62 -7.27
N SER A 54 -4.44 17.90 -7.53
CA SER A 54 -5.45 18.88 -7.20
C SER A 54 -5.42 19.18 -5.69
N GLY A 55 -5.56 18.12 -4.91
CA GLY A 55 -5.55 18.26 -3.47
C GLY A 55 -6.93 18.66 -2.94
N PRO A 56 -6.98 18.95 -1.62
CA PRO A 56 -8.22 19.35 -0.98
C PRO A 56 -8.59 20.79 -1.36
N SER A 57 -9.45 20.91 -2.36
CA SER A 57 -9.89 22.21 -2.82
C SER A 57 -11.41 22.34 -2.67
N SER A 58 -11.81 23.02 -1.61
CA SER A 58 -13.23 23.22 -1.34
C SER A 58 -13.52 24.71 -1.13
N GLY A 59 -12.84 25.28 -0.14
CA GLY A 59 -13.01 26.69 0.16
C GLY A 59 -11.68 27.43 0.10
N GLY A 1 -13.51 -10.74 6.10
CA GLY A 1 -12.61 -11.71 6.70
C GLY A 1 -13.37 -12.65 7.64
N SER A 2 -13.33 -13.93 7.31
CA SER A 2 -14.00 -14.93 8.11
C SER A 2 -13.46 -14.92 9.54
N SER A 3 -12.15 -15.13 9.63
CA SER A 3 -11.49 -15.15 10.94
C SER A 3 -10.07 -14.61 10.80
N GLY A 4 -9.52 -14.19 11.93
CA GLY A 4 -8.16 -13.66 11.95
C GLY A 4 -7.15 -14.73 11.57
N SER A 5 -6.36 -14.41 10.55
CA SER A 5 -5.34 -15.33 10.08
C SER A 5 -4.57 -14.71 8.90
N SER A 6 -5.32 -14.33 7.88
CA SER A 6 -4.73 -13.72 6.70
C SER A 6 -3.98 -12.43 7.10
N GLY A 7 -2.99 -12.10 6.28
CA GLY A 7 -2.20 -10.91 6.53
C GLY A 7 -1.54 -10.41 5.24
N CYS A 8 -0.29 -9.98 5.38
CA CYS A 8 0.46 -9.48 4.24
C CYS A 8 0.51 -10.58 3.17
N SER A 9 1.03 -10.21 2.01
CA SER A 9 1.13 -11.15 0.91
C SER A 9 1.75 -10.46 -0.31
N GLU A 10 2.15 -11.27 -1.27
CA GLU A 10 2.76 -10.75 -2.48
C GLU A 10 1.68 -10.39 -3.51
N GLU A 11 0.49 -10.94 -3.27
CA GLU A 11 -0.63 -10.69 -4.16
C GLU A 11 -1.24 -9.32 -3.86
N ASP A 12 -1.54 -9.10 -2.60
CA ASP A 12 -2.13 -7.85 -2.17
C ASP A 12 -1.17 -6.70 -2.50
N LEU A 13 0.11 -6.95 -2.26
CA LEU A 13 1.14 -5.96 -2.53
C LEU A 13 1.11 -5.59 -4.02
N LYS A 14 1.55 -6.54 -4.84
CA LYS A 14 1.58 -6.33 -6.27
C LYS A 14 0.34 -5.57 -6.70
N ALA A 15 -0.80 -5.96 -6.12
CA ALA A 15 -2.06 -5.33 -6.44
C ALA A 15 -1.92 -3.81 -6.29
N ILE A 16 -1.41 -3.41 -5.13
CA ILE A 16 -1.22 -1.99 -4.85
C ILE A 16 -0.24 -1.41 -5.87
N GLN A 17 0.89 -2.08 -6.02
CA GLN A 17 1.90 -1.65 -6.95
C GLN A 17 1.27 -1.17 -8.25
N ASP A 18 0.41 -2.01 -8.80
CA ASP A 18 -0.29 -1.68 -10.04
C ASP A 18 -0.94 -0.31 -9.91
N MET A 19 -1.61 -0.12 -8.79
CA MET A 19 -2.29 1.14 -8.52
C MET A 19 -1.28 2.29 -8.39
N PHE A 20 -0.14 1.96 -7.81
CA PHE A 20 0.91 2.95 -7.61
C PHE A 20 2.27 2.40 -8.06
N PRO A 21 2.47 2.36 -9.40
CA PRO A 21 3.71 1.86 -9.96
C PRO A 21 4.85 2.88 -9.79
N ASN A 22 4.47 4.15 -9.86
CA ASN A 22 5.43 5.22 -9.71
C ASN A 22 6.04 5.16 -8.31
N MET A 23 5.18 5.00 -7.33
CA MET A 23 5.61 4.92 -5.94
C MET A 23 6.73 3.90 -5.77
N ASP A 24 7.26 3.83 -4.56
CA ASP A 24 8.33 2.91 -4.26
C ASP A 24 7.73 1.60 -3.71
N GLN A 25 8.18 0.50 -4.28
CA GLN A 25 7.70 -0.80 -3.86
C GLN A 25 7.98 -1.03 -2.37
N GLU A 26 9.25 -0.88 -2.02
CA GLU A 26 9.66 -1.06 -0.63
C GLU A 26 8.73 -0.28 0.31
N VAL A 27 8.22 0.83 -0.22
CA VAL A 27 7.31 1.66 0.56
C VAL A 27 5.93 1.01 0.61
N ILE A 28 5.41 0.70 -0.57
CA ILE A 28 4.11 0.08 -0.66
C ILE A 28 4.06 -1.14 0.25
N ARG A 29 5.22 -1.78 0.40
CA ARG A 29 5.32 -2.96 1.24
C ARG A 29 5.51 -2.55 2.70
N SER A 30 6.04 -1.36 2.88
CA SER A 30 6.28 -0.84 4.22
C SER A 30 4.96 -0.42 4.86
N VAL A 31 3.97 -0.21 4.01
CA VAL A 31 2.65 0.20 4.48
C VAL A 31 1.81 -1.05 4.76
N LEU A 32 1.88 -1.99 3.83
CA LEU A 32 1.13 -3.23 3.97
C LEU A 32 1.52 -3.93 5.27
N GLU A 33 2.83 -3.90 5.55
CA GLU A 33 3.35 -4.52 6.75
C GLU A 33 2.98 -3.68 7.98
N ALA A 34 2.80 -2.40 7.74
CA ALA A 34 2.45 -1.48 8.81
C ALA A 34 0.92 -1.40 8.94
N GLN A 35 0.25 -2.07 8.01
CA GLN A 35 -1.21 -2.09 7.99
C GLN A 35 -1.71 -3.52 8.18
N ARG A 36 -1.15 -4.19 9.17
CA ARG A 36 -1.54 -5.56 9.46
C ARG A 36 -1.77 -6.33 8.17
N GLY A 37 -1.06 -5.91 7.14
CA GLY A 37 -1.17 -6.56 5.84
C GLY A 37 -2.51 -6.26 5.19
N ASN A 38 -2.85 -4.97 5.18
CA ASN A 38 -4.12 -4.54 4.60
C ASN A 38 -3.85 -3.96 3.20
N LYS A 39 -4.82 -4.17 2.32
CA LYS A 39 -4.72 -3.68 0.96
C LYS A 39 -5.36 -2.29 0.86
N ASP A 40 -6.59 -2.21 1.35
CA ASP A 40 -7.33 -0.96 1.32
C ASP A 40 -6.65 0.04 2.27
N ALA A 41 -6.38 -0.44 3.47
CA ALA A 41 -5.73 0.40 4.48
C ALA A 41 -4.40 0.91 3.94
N ALA A 42 -3.66 -0.01 3.33
CA ALA A 42 -2.37 0.34 2.77
C ALA A 42 -2.55 1.39 1.68
N ILE A 43 -3.42 1.08 0.73
CA ILE A 43 -3.69 1.98 -0.37
C ILE A 43 -4.05 3.36 0.19
N ASN A 44 -5.02 3.37 1.10
CA ASN A 44 -5.46 4.61 1.71
C ASN A 44 -4.24 5.37 2.24
N SER A 45 -3.39 4.63 2.94
CA SER A 45 -2.19 5.21 3.52
C SER A 45 -1.32 5.82 2.41
N LEU A 46 -1.12 5.04 1.36
CA LEU A 46 -0.33 5.50 0.23
C LEU A 46 -1.01 6.71 -0.42
N LEU A 47 -2.31 6.58 -0.61
CA LEU A 47 -3.09 7.65 -1.22
C LEU A 47 -2.72 8.98 -0.55
N GLN A 48 -2.93 9.02 0.75
CA GLN A 48 -2.63 10.22 1.51
C GLN A 48 -1.17 10.62 1.32
N MET A 49 -0.29 9.67 1.58
CA MET A 49 1.13 9.91 1.44
C MET A 49 1.43 10.68 0.15
N GLY A 50 2.28 11.69 0.29
CA GLY A 50 2.65 12.51 -0.85
C GLY A 50 1.68 13.68 -1.03
N GLU A 51 2.04 14.57 -1.94
CA GLU A 51 1.22 15.73 -2.22
C GLU A 51 1.03 15.90 -3.73
N GLU A 52 0.52 14.84 -4.35
CA GLU A 52 0.29 14.86 -5.79
C GLU A 52 -0.95 15.71 -6.12
N PRO A 53 -0.93 16.29 -7.34
CA PRO A 53 -2.04 17.13 -7.78
C PRO A 53 -3.25 16.27 -8.18
N SER A 54 -3.69 15.45 -7.23
CA SER A 54 -4.83 14.57 -7.46
C SER A 54 -5.56 14.32 -6.14
N GLY A 55 -6.89 14.39 -6.22
CA GLY A 55 -7.71 14.16 -5.05
C GLY A 55 -9.03 13.48 -5.43
N PRO A 56 -9.06 12.13 -5.23
CA PRO A 56 -10.24 11.35 -5.55
C PRO A 56 -11.33 11.56 -4.51
N SER A 57 -10.93 11.52 -3.24
CA SER A 57 -11.85 11.70 -2.15
C SER A 57 -12.93 10.61 -2.18
N SER A 58 -12.75 9.62 -1.31
CA SER A 58 -13.69 8.52 -1.23
C SER A 58 -13.32 7.61 -0.06
N GLY A 59 -14.34 6.91 0.45
CA GLY A 59 -14.14 6.00 1.56
C GLY A 59 -13.60 6.75 2.79
N GLY A 1 -6.59 -23.09 -1.80
CA GLY A 1 -7.50 -23.41 -0.71
C GLY A 1 -7.71 -22.22 0.20
N SER A 2 -8.13 -22.51 1.42
CA SER A 2 -8.38 -21.46 2.40
C SER A 2 -8.31 -22.03 3.82
N SER A 3 -7.08 -22.18 4.29
CA SER A 3 -6.87 -22.73 5.63
C SER A 3 -6.02 -21.76 6.45
N GLY A 4 -4.84 -21.45 5.94
CA GLY A 4 -3.94 -20.54 6.61
C GLY A 4 -4.36 -19.09 6.40
N SER A 5 -3.76 -18.20 7.18
CA SER A 5 -4.06 -16.79 7.08
C SER A 5 -2.85 -16.03 6.53
N SER A 6 -1.76 -16.11 7.27
CA SER A 6 -0.53 -15.43 6.88
C SER A 6 -0.73 -13.92 6.92
N GLY A 7 0.38 -13.21 6.96
CA GLY A 7 0.35 -11.75 7.00
C GLY A 7 0.49 -11.15 5.60
N CYS A 8 1.56 -10.40 5.42
CA CYS A 8 1.81 -9.77 4.13
C CYS A 8 1.66 -10.83 3.03
N SER A 9 1.68 -10.37 1.80
CA SER A 9 1.56 -11.26 0.66
C SER A 9 2.13 -10.59 -0.59
N GLU A 10 2.28 -11.40 -1.63
CA GLU A 10 2.82 -10.91 -2.89
C GLU A 10 1.69 -10.44 -3.80
N GLU A 11 0.52 -11.04 -3.60
CA GLU A 11 -0.63 -10.69 -4.41
C GLU A 11 -1.12 -9.27 -4.06
N ASP A 12 -1.44 -9.09 -2.79
CA ASP A 12 -1.92 -7.80 -2.32
C ASP A 12 -0.91 -6.72 -2.74
N LEU A 13 0.32 -6.89 -2.29
CA LEU A 13 1.37 -5.95 -2.61
C LEU A 13 1.31 -5.60 -4.10
N LYS A 14 1.69 -6.57 -4.91
CA LYS A 14 1.68 -6.38 -6.35
C LYS A 14 0.44 -5.58 -6.76
N ALA A 15 -0.71 -6.09 -6.34
CA ALA A 15 -1.97 -5.43 -6.65
C ALA A 15 -1.80 -3.91 -6.47
N ILE A 16 -1.36 -3.53 -5.29
CA ILE A 16 -1.16 -2.11 -4.99
C ILE A 16 -0.17 -1.52 -5.99
N GLN A 17 0.97 -2.19 -6.11
CA GLN A 17 2.00 -1.75 -7.03
C GLN A 17 1.38 -1.28 -8.34
N ASP A 18 0.55 -2.14 -8.91
CA ASP A 18 -0.11 -1.84 -10.16
C ASP A 18 -0.82 -0.49 -10.04
N MET A 19 -1.52 -0.32 -8.94
CA MET A 19 -2.25 0.92 -8.68
C MET A 19 -1.28 2.08 -8.47
N PHE A 20 -0.18 1.78 -7.81
CA PHE A 20 0.82 2.80 -7.53
C PHE A 20 2.22 2.32 -7.94
N PRO A 21 2.47 2.35 -9.28
CA PRO A 21 3.75 1.92 -9.81
C PRO A 21 4.84 2.96 -9.54
N ASN A 22 4.52 4.20 -9.90
CA ASN A 22 5.46 5.29 -9.71
C ASN A 22 6.07 5.19 -8.32
N MET A 23 5.21 4.98 -7.33
CA MET A 23 5.65 4.87 -5.95
C MET A 23 6.79 3.85 -5.83
N ASP A 24 7.22 3.65 -4.60
CA ASP A 24 8.31 2.71 -4.33
C ASP A 24 7.73 1.43 -3.72
N GLN A 25 8.17 0.31 -4.25
CA GLN A 25 7.71 -0.99 -3.78
C GLN A 25 7.97 -1.12 -2.28
N GLU A 26 9.25 -1.08 -1.93
CA GLU A 26 9.65 -1.20 -0.54
C GLU A 26 8.71 -0.41 0.36
N VAL A 27 8.23 0.71 -0.19
CA VAL A 27 7.32 1.56 0.55
C VAL A 27 5.93 0.92 0.57
N ILE A 28 5.43 0.62 -0.62
CA ILE A 28 4.13 0.00 -0.76
C ILE A 28 4.03 -1.20 0.18
N ARG A 29 5.17 -1.84 0.39
CA ARG A 29 5.23 -3.00 1.27
C ARG A 29 5.38 -2.56 2.73
N SER A 30 6.04 -1.42 2.91
CA SER A 30 6.27 -0.88 4.23
C SER A 30 4.96 -0.34 4.80
N VAL A 31 3.98 -0.21 3.93
CA VAL A 31 2.68 0.30 4.32
C VAL A 31 1.76 -0.88 4.64
N LEU A 32 1.67 -1.80 3.68
CA LEU A 32 0.82 -2.96 3.84
C LEU A 32 1.21 -3.69 5.12
N GLU A 33 2.51 -3.75 5.37
CA GLU A 33 3.03 -4.41 6.56
C GLU A 33 2.72 -3.59 7.80
N ALA A 34 2.81 -2.27 7.64
CA ALA A 34 2.53 -1.36 8.75
C ALA A 34 1.03 -1.23 8.93
N GLN A 35 0.30 -1.79 7.98
CA GLN A 35 -1.16 -1.74 8.02
C GLN A 35 -1.73 -3.13 8.32
N ARG A 36 -1.08 -3.81 9.25
CA ARG A 36 -1.51 -5.14 9.64
C ARG A 36 -1.89 -5.96 8.40
N GLY A 37 -1.23 -5.63 7.29
CA GLY A 37 -1.49 -6.33 6.04
C GLY A 37 -2.90 -6.02 5.53
N ASN A 38 -3.26 -4.76 5.59
CA ASN A 38 -4.57 -4.33 5.14
C ASN A 38 -4.42 -3.45 3.89
N LYS A 39 -4.44 -4.10 2.74
CA LYS A 39 -4.30 -3.39 1.48
C LYS A 39 -5.14 -2.11 1.52
N ASP A 40 -6.43 -2.30 1.75
CA ASP A 40 -7.35 -1.17 1.82
C ASP A 40 -6.72 -0.05 2.64
N ALA A 41 -6.46 -0.37 3.91
CA ALA A 41 -5.86 0.61 4.81
C ALA A 41 -4.61 1.20 4.16
N ALA A 42 -3.81 0.32 3.57
CA ALA A 42 -2.59 0.74 2.92
C ALA A 42 -2.94 1.73 1.80
N ILE A 43 -3.72 1.26 0.85
CA ILE A 43 -4.13 2.09 -0.27
C ILE A 43 -4.45 3.50 0.24
N ASN A 44 -5.28 3.54 1.26
CA ASN A 44 -5.68 4.81 1.85
C ASN A 44 -4.44 5.54 2.36
N SER A 45 -3.58 4.79 3.04
CA SER A 45 -2.35 5.35 3.58
C SER A 45 -1.48 5.89 2.45
N LEU A 46 -1.29 5.06 1.44
CA LEU A 46 -0.48 5.43 0.30
C LEU A 46 -1.08 6.69 -0.35
N LEU A 47 -2.36 6.62 -0.66
CA LEU A 47 -3.05 7.74 -1.27
C LEU A 47 -2.63 9.03 -0.58
N GLN A 48 -2.78 9.05 0.73
CA GLN A 48 -2.42 10.22 1.52
C GLN A 48 -0.91 10.47 1.43
N MET A 49 -0.15 9.46 1.82
CA MET A 49 1.29 9.55 1.79
C MET A 49 1.78 10.17 0.47
N GLY A 50 2.77 11.03 0.59
CA GLY A 50 3.33 11.69 -0.58
C GLY A 50 4.23 12.86 -0.17
N GLU A 51 4.51 13.71 -1.15
CA GLU A 51 5.36 14.88 -0.90
C GLU A 51 4.53 16.15 -0.97
N GLU A 52 3.72 16.36 0.06
CA GLU A 52 2.88 17.54 0.15
C GLU A 52 2.04 17.50 1.42
N PRO A 53 2.30 18.51 2.30
CA PRO A 53 1.58 18.61 3.56
C PRO A 53 0.15 19.12 3.34
N SER A 54 -0.63 18.32 2.64
CA SER A 54 -2.01 18.68 2.36
C SER A 54 -2.95 17.52 2.72
N GLY A 55 -4.20 17.87 2.95
CA GLY A 55 -5.20 16.88 3.31
C GLY A 55 -6.51 17.13 2.58
N PRO A 56 -6.70 16.36 1.47
CA PRO A 56 -7.91 16.50 0.67
C PRO A 56 -9.11 15.85 1.37
N SER A 57 -8.83 14.74 2.03
CA SER A 57 -9.87 14.01 2.75
C SER A 57 -9.64 14.11 4.25
N SER A 58 -10.73 14.10 4.99
CA SER A 58 -10.66 14.19 6.44
C SER A 58 -9.74 13.10 6.98
N GLY A 59 -10.12 11.85 6.72
CA GLY A 59 -9.34 10.72 7.18
C GLY A 59 -10.19 9.77 8.02
N GLY A 1 -7.97 -14.41 15.62
CA GLY A 1 -6.73 -13.93 15.02
C GLY A 1 -5.80 -15.10 14.69
N SER A 2 -6.30 -15.99 13.84
CA SER A 2 -5.52 -17.14 13.42
C SER A 2 -5.88 -17.53 11.98
N SER A 3 -7.16 -17.79 11.78
CA SER A 3 -7.64 -18.17 10.46
C SER A 3 -7.51 -17.00 9.50
N GLY A 4 -7.58 -17.31 8.21
CA GLY A 4 -7.47 -16.28 7.18
C GLY A 4 -6.05 -16.22 6.62
N SER A 5 -5.69 -15.04 6.14
CA SER A 5 -4.37 -14.84 5.58
C SER A 5 -3.42 -14.28 6.64
N SER A 6 -2.32 -14.99 6.85
CA SER A 6 -1.34 -14.58 7.84
C SER A 6 -0.08 -14.07 7.13
N GLY A 7 0.49 -13.02 7.69
CA GLY A 7 1.70 -12.42 7.14
C GLY A 7 1.40 -11.73 5.81
N CYS A 8 2.30 -10.84 5.43
CA CYS A 8 2.16 -10.10 4.19
C CYS A 8 1.94 -11.10 3.06
N SER A 9 1.78 -10.57 1.85
CA SER A 9 1.57 -11.41 0.68
C SER A 9 2.13 -10.70 -0.56
N GLU A 10 2.26 -11.49 -1.63
CA GLU A 10 2.79 -10.97 -2.88
C GLU A 10 1.63 -10.48 -3.76
N GLU A 11 0.47 -11.06 -3.54
CA GLU A 11 -0.71 -10.70 -4.31
C GLU A 11 -1.16 -9.28 -3.95
N ASP A 12 -1.46 -9.10 -2.68
CA ASP A 12 -1.89 -7.79 -2.19
C ASP A 12 -0.90 -6.72 -2.64
N LEU A 13 0.35 -6.92 -2.23
CA LEU A 13 1.41 -5.99 -2.57
C LEU A 13 1.28 -5.61 -4.05
N LYS A 14 1.61 -6.57 -4.90
CA LYS A 14 1.54 -6.36 -6.34
C LYS A 14 0.30 -5.52 -6.66
N ALA A 15 -0.82 -5.95 -6.10
CA ALA A 15 -2.08 -5.26 -6.34
C ALA A 15 -1.86 -3.75 -6.16
N ILE A 16 -1.26 -3.39 -5.04
CA ILE A 16 -0.99 -1.99 -4.75
C ILE A 16 -0.04 -1.43 -5.80
N GLN A 17 1.05 -2.15 -6.02
CA GLN A 17 2.04 -1.73 -6.99
C GLN A 17 1.35 -1.19 -8.25
N ASP A 18 0.44 -2.01 -8.78
CA ASP A 18 -0.29 -1.63 -9.98
C ASP A 18 -0.94 -0.26 -9.76
N MET A 19 -1.52 -0.10 -8.57
CA MET A 19 -2.18 1.15 -8.23
C MET A 19 -1.16 2.26 -8.01
N PHE A 20 0.00 1.87 -7.50
CA PHE A 20 1.06 2.83 -7.22
C PHE A 20 2.40 2.31 -7.75
N PRO A 21 2.58 2.42 -9.09
CA PRO A 21 3.81 1.98 -9.72
C PRO A 21 4.95 2.96 -9.45
N ASN A 22 4.69 4.22 -9.74
CA ASN A 22 5.68 5.26 -9.54
C ASN A 22 6.29 5.11 -8.14
N MET A 23 5.43 4.75 -7.19
CA MET A 23 5.87 4.58 -5.82
C MET A 23 7.00 3.54 -5.73
N ASP A 24 7.52 3.38 -4.53
CA ASP A 24 8.60 2.44 -4.29
C ASP A 24 8.03 1.16 -3.69
N GLN A 25 8.39 0.04 -4.29
CA GLN A 25 7.91 -1.26 -3.83
C GLN A 25 8.13 -1.38 -2.32
N GLU A 26 9.39 -1.29 -1.92
CA GLU A 26 9.74 -1.39 -0.51
C GLU A 26 8.79 -0.55 0.33
N VAL A 27 8.46 0.63 -0.18
CA VAL A 27 7.57 1.53 0.51
C VAL A 27 6.16 0.93 0.52
N ILE A 28 5.69 0.59 -0.66
CA ILE A 28 4.36 0.01 -0.81
C ILE A 28 4.23 -1.18 0.15
N ARG A 29 5.32 -1.91 0.31
CA ARG A 29 5.33 -3.06 1.19
C ARG A 29 5.49 -2.61 2.65
N SER A 30 6.06 -1.43 2.81
CA SER A 30 6.28 -0.88 4.14
C SER A 30 4.96 -0.35 4.70
N VAL A 31 4.00 -0.17 3.80
CA VAL A 31 2.69 0.34 4.19
C VAL A 31 1.77 -0.85 4.49
N LEU A 32 1.75 -1.80 3.57
CA LEU A 32 0.92 -2.98 3.73
C LEU A 32 1.29 -3.69 5.03
N GLU A 33 2.59 -3.78 5.27
CA GLU A 33 3.08 -4.43 6.47
C GLU A 33 2.74 -3.59 7.71
N ALA A 34 2.92 -2.28 7.57
CA ALA A 34 2.64 -1.36 8.65
C ALA A 34 1.13 -1.29 8.87
N GLN A 35 0.39 -1.87 7.94
CA GLN A 35 -1.06 -1.87 8.02
C GLN A 35 -1.58 -3.28 8.30
N ARG A 36 -0.88 -3.97 9.19
CA ARG A 36 -1.25 -5.33 9.56
C ARG A 36 -1.54 -6.15 8.31
N GLY A 37 -0.94 -5.74 7.21
CA GLY A 37 -1.13 -6.43 5.94
C GLY A 37 -2.50 -6.10 5.35
N ASN A 38 -2.84 -4.83 5.38
CA ASN A 38 -4.11 -4.37 4.84
C ASN A 38 -3.87 -3.62 3.52
N LYS A 39 -4.59 -4.06 2.50
CA LYS A 39 -4.47 -3.45 1.19
C LYS A 39 -5.28 -2.15 1.16
N ASP A 40 -6.54 -2.27 1.57
CA ASP A 40 -7.42 -1.12 1.60
C ASP A 40 -6.80 -0.02 2.46
N ALA A 41 -6.48 -0.40 3.69
CA ALA A 41 -5.88 0.54 4.63
C ALA A 41 -4.60 1.10 4.03
N ALA A 42 -3.77 0.20 3.52
CA ALA A 42 -2.52 0.59 2.91
C ALA A 42 -2.78 1.59 1.78
N ILE A 43 -3.62 1.15 0.85
CA ILE A 43 -3.96 1.98 -0.29
C ILE A 43 -4.29 3.40 0.19
N ASN A 44 -5.17 3.46 1.19
CA ASN A 44 -5.56 4.73 1.75
C ASN A 44 -4.33 5.48 2.25
N SER A 45 -3.54 4.79 3.07
CA SER A 45 -2.34 5.36 3.62
C SER A 45 -1.45 5.91 2.49
N LEU A 46 -1.44 5.18 1.39
CA LEU A 46 -0.65 5.57 0.23
C LEU A 46 -1.29 6.80 -0.42
N LEU A 47 -2.57 6.67 -0.73
CA LEU A 47 -3.30 7.74 -1.36
C LEU A 47 -2.97 9.07 -0.66
N GLN A 48 -3.17 9.06 0.65
CA GLN A 48 -2.90 10.25 1.45
C GLN A 48 -1.42 10.65 1.30
N MET A 49 -0.55 9.69 1.51
CA MET A 49 0.88 9.93 1.41
C MET A 49 1.20 10.72 0.13
N GLY A 50 1.97 11.77 0.32
CA GLY A 50 2.37 12.62 -0.80
C GLY A 50 3.88 12.62 -0.98
N GLU A 51 4.34 13.39 -1.96
CA GLU A 51 5.75 13.48 -2.25
C GLU A 51 6.16 14.94 -2.47
N GLU A 52 7.01 15.43 -1.58
CA GLU A 52 7.47 16.81 -1.65
C GLU A 52 8.58 16.92 -2.70
N PRO A 53 8.27 17.67 -3.78
CA PRO A 53 9.24 17.87 -4.86
C PRO A 53 10.33 18.87 -4.44
N SER A 54 11.47 18.74 -5.09
CA SER A 54 12.59 19.61 -4.80
C SER A 54 13.32 19.98 -6.10
N GLY A 55 12.83 21.03 -6.73
CA GLY A 55 13.42 21.51 -7.97
C GLY A 55 13.63 23.01 -7.95
N PRO A 56 14.40 23.51 -8.96
CA PRO A 56 14.70 24.92 -9.05
C PRO A 56 13.48 25.70 -9.57
N SER A 57 12.94 25.23 -10.68
CA SER A 57 11.78 25.87 -11.28
C SER A 57 11.19 24.96 -12.36
N SER A 58 9.87 24.86 -12.35
CA SER A 58 9.18 24.04 -13.33
C SER A 58 8.58 24.92 -14.42
N GLY A 59 7.72 25.84 -13.99
CA GLY A 59 7.07 26.75 -14.93
C GLY A 59 6.02 26.02 -15.75
#